data_3NA1
#
_entry.id   3NA1
#
_cell.length_a   82.810
_cell.length_b   115.149
_cell.length_c   85.727
_cell.angle_alpha   90.00
_cell.angle_beta   101.45
_cell.angle_gamma   90.00
#
_symmetry.space_group_name_H-M   'P 1 21 1'
#
loop_
_entity.id
_entity.type
_entity.pdbx_description
1 polymer 'Cholesterol side-chain cleavage enzyme, mitochondrial'
2 polymer 'Adrenodoxin, mitochondrial'
3 non-polymer 'PROTOPORPHYRIN IX CONTAINING FE'
4 non-polymer (3alpha,8alpha)-cholest-5-ene-3,20-diol
5 non-polymer 'FE2/S2 (INORGANIC) CLUSTER'
6 water water
#
loop_
_entity_poly.entity_id
_entity_poly.type
_entity_poly.pdbx_seq_one_letter_code
_entity_poly.pdbx_strand_id
1 'polypeptide(L)'
;STRSPRPFNEIPSPGDNGWLNLYHFWRETGTHKVHLHHVQNFQKYGPIYREKLGNVESVYVIDPEDVALLFKSEGPNPER
FLIPPWVAYHQYYQRPIGVLLKKSAAWKKDRVALNQEVMAPEATKNFLPLLDAVSRDFVSVLHRRIKKAGSGNYSGDISD
DLFRFAFESITNVIFGERQGMLEEVVNPEAQRFIDAIYQMFHTSVPMLNLPPDLFRLFRTKTWKDHVAAWDVIFSKADIY
TQNFYWELRQKGSVHHDYRGILYRLLGDSKMSFEDIKANVTEMLAGGVDTTSMTLQWHLYEMARNLKVQDMLRAEVLAAR
HQAQGDMATMLQLVPLLKASIKETLRLHPISVTLQRYLVNDLVLRDYMIPAKTLVQVAIYALGREPTFFFDPENFDPTRW
LSKDKNITYFRNLGFGWGVRQCLGRRIAELEMTIFLINMLENFRVEIQHLSDVGTTFNLILMPEKPISFTFWPFNQEATQ
QHHHHHH
;
A,B
2 'polypeptide(L)'
;SSEDKITVHFINRDGETLTTKGKVGDSLLDVVVENNLDIDGFGACEGTLACSTCHLIFEDHIYEKLDAITDEENDMLDLA
YGLTDRSRLGCQICLTKSMDNMTVRVPETVADARQSIDVGKTS
;
C,D
#
loop_
_chem_comp.id
_chem_comp.type
_chem_comp.name
_chem_comp.formula
FES non-polymer 'FE2/S2 (INORGANIC) CLUSTER' 'Fe2 S2'
HCD non-polymer (3alpha,8alpha)-cholest-5-ene-3,20-diol 'C27 H46 O2'
HEM non-polymer 'PROTOPORPHYRIN IX CONTAINING FE' 'C34 H32 Fe N4 O4'
#
# COMPACT_ATOMS: atom_id res chain seq x y z
N SER A 4 -56.64 29.72 6.46
CA SER A 4 -55.39 30.14 5.77
C SER A 4 -54.14 29.62 6.51
N PRO A 5 -52.98 29.57 5.82
CA PRO A 5 -51.75 29.01 6.41
C PRO A 5 -51.16 29.87 7.51
N ARG A 6 -50.40 29.24 8.41
CA ARG A 6 -49.71 29.94 9.48
C ARG A 6 -48.58 30.79 8.90
N PRO A 7 -48.25 31.92 9.57
CA PRO A 7 -47.19 32.79 9.08
C PRO A 7 -45.80 32.16 9.21
N PHE A 8 -44.83 32.77 8.51
CA PHE A 8 -43.45 32.30 8.44
C PHE A 8 -42.77 32.10 9.79
N ASN A 9 -42.99 33.04 10.70
CA ASN A 9 -42.33 33.04 12.00
C ASN A 9 -42.75 31.88 12.91
N GLU A 10 -43.83 31.19 12.54
CA GLU A 10 -44.31 30.04 13.31
C GLU A 10 -43.60 28.73 12.92
N ILE A 11 -42.91 28.73 11.78
CA ILE A 11 -42.06 27.60 11.41
C ILE A 11 -41.06 27.39 12.55
N PRO A 12 -40.98 26.17 13.10
CA PRO A 12 -40.04 25.88 14.20
C PRO A 12 -38.59 26.25 13.86
N SER A 13 -37.87 26.79 14.85
CA SER A 13 -36.45 27.11 14.73
C SER A 13 -35.74 27.12 16.09
N PRO A 14 -34.40 27.06 16.08
CA PRO A 14 -33.63 27.26 17.30
C PRO A 14 -33.70 28.69 17.83
N GLY A 15 -34.16 29.63 17.00
CA GLY A 15 -34.22 31.04 17.38
C GLY A 15 -33.80 32.00 16.28
N ASP A 16 -33.91 33.30 16.54
CA ASP A 16 -33.72 34.32 15.52
C ASP A 16 -32.31 34.91 15.44
N ASN A 17 -31.45 34.57 16.40
CA ASN A 17 -30.08 35.08 16.40
C ASN A 17 -29.14 34.18 15.59
N GLY A 18 -28.84 34.62 14.37
CA GLY A 18 -27.97 33.86 13.46
C GLY A 18 -26.62 33.53 14.04
N TRP A 19 -26.07 34.47 14.81
CA TRP A 19 -24.75 34.34 15.41
C TRP A 19 -24.76 33.38 16.59
N LEU A 20 -25.83 33.42 17.37
CA LEU A 20 -26.00 32.47 18.47
C LEU A 20 -26.23 31.05 17.94
N ASN A 21 -27.05 30.92 16.90
CA ASN A 21 -27.29 29.63 16.25
C ASN A 21 -25.99 29.02 15.72
N LEU A 22 -25.16 29.89 15.14
CA LEU A 22 -23.89 29.49 14.57
C LEU A 22 -22.95 29.00 15.67
N TYR A 23 -22.92 29.75 16.77
CA TYR A 23 -22.17 29.35 17.96
C TYR A 23 -22.57 27.95 18.43
N HIS A 24 -23.87 27.71 18.58
CA HIS A 24 -24.35 26.40 19.05
C HIS A 24 -24.05 25.28 18.03
N PHE A 25 -24.21 25.57 16.74
CA PHE A 25 -23.86 24.61 15.69
C PHE A 25 -22.37 24.22 15.79
N TRP A 26 -21.48 25.20 15.89
CA TRP A 26 -20.04 24.93 15.98
C TRP A 26 -19.67 24.15 17.23
N ARG A 27 -20.27 24.52 18.35
CA ARG A 27 -19.95 23.92 19.65
C ARG A 27 -20.49 22.49 19.80
N GLU A 28 -21.71 22.27 19.33
CA GLU A 28 -22.38 20.98 19.54
C GLU A 28 -22.06 19.93 18.46
N THR A 29 -21.92 20.38 17.22
CA THR A 29 -21.85 19.46 16.10
C THR A 29 -20.54 19.63 15.31
N GLY A 30 -20.20 20.88 15.00
CA GLY A 30 -18.98 21.17 14.28
C GLY A 30 -19.23 21.40 12.80
N THR A 31 -18.38 22.26 12.24
CA THR A 31 -18.45 22.67 10.84
C THR A 31 -18.44 21.47 9.88
N HIS A 32 -17.72 20.41 10.23
CA HIS A 32 -17.54 19.25 9.35
C HIS A 32 -18.62 18.16 9.46
N LYS A 33 -19.64 18.41 10.28
CA LYS A 33 -20.73 17.48 10.48
C LYS A 33 -22.08 18.13 10.22
N VAL A 34 -22.13 19.02 9.23
CA VAL A 34 -23.36 19.72 8.88
C VAL A 34 -24.50 18.74 8.51
N HIS A 35 -24.18 17.64 7.83
CA HIS A 35 -25.16 16.60 7.50
C HIS A 35 -25.86 16.02 8.75
N LEU A 36 -25.11 15.83 9.83
CA LEU A 36 -25.66 15.28 11.07
C LEU A 36 -26.47 16.34 11.81
N HIS A 37 -26.07 17.60 11.65
CA HIS A 37 -26.83 18.71 12.15
C HIS A 37 -28.27 18.70 11.58
N HIS A 38 -28.41 18.49 10.26
CA HIS A 38 -29.72 18.43 9.64
C HIS A 38 -30.57 17.27 10.17
N VAL A 39 -29.97 16.09 10.26
CA VAL A 39 -30.63 14.89 10.78
C VAL A 39 -31.20 15.18 12.16
N GLN A 40 -30.35 15.71 13.04
CA GLN A 40 -30.74 16.06 14.40
C GLN A 40 -31.83 17.12 14.43
N ASN A 41 -31.74 18.11 13.54
CA ASN A 41 -32.74 19.18 13.50
C ASN A 41 -34.13 18.65 13.14
N PHE A 42 -34.23 17.80 12.12
CA PHE A 42 -35.53 17.20 11.80
C PHE A 42 -36.10 16.34 12.94
N GLN A 43 -35.23 15.65 13.69
CA GLN A 43 -35.64 14.90 14.88
C GLN A 43 -36.22 15.80 15.97
N LYS A 44 -35.67 17.02 16.08
CA LYS A 44 -36.11 18.01 17.07
C LYS A 44 -37.37 18.75 16.70
N TYR A 45 -37.46 19.19 15.43
CA TYR A 45 -38.50 20.13 15.01
C TYR A 45 -39.62 19.52 14.17
N GLY A 46 -39.38 18.32 13.65
CA GLY A 46 -40.29 17.71 12.70
C GLY A 46 -39.85 17.98 11.27
N PRO A 47 -40.75 17.70 10.30
CA PRO A 47 -40.43 17.65 8.86
C PRO A 47 -40.10 19.00 8.20
N ILE A 48 -40.21 20.09 8.94
CA ILE A 48 -39.87 21.42 8.40
C ILE A 48 -39.39 22.35 9.50
N TYR A 49 -38.30 23.06 9.23
CA TYR A 49 -37.80 24.05 10.15
C TYR A 49 -37.09 25.17 9.39
N ARG A 50 -36.81 26.26 10.09
CA ARG A 50 -36.04 27.37 9.55
C ARG A 50 -34.88 27.64 10.48
N GLU A 51 -33.74 28.00 9.91
CA GLU A 51 -32.57 28.31 10.71
C GLU A 51 -31.71 29.37 10.04
N LYS A 52 -31.51 30.46 10.77
CA LYS A 52 -30.56 31.48 10.37
C LYS A 52 -29.18 31.10 10.89
N LEU A 53 -28.22 30.99 9.98
CA LEU A 53 -26.83 30.78 10.34
C LEU A 53 -26.00 31.97 9.83
N GLY A 54 -25.46 32.74 10.77
CA GLY A 54 -24.83 34.01 10.43
C GLY A 54 -25.89 34.98 9.93
N ASN A 55 -25.73 35.44 8.69
CA ASN A 55 -26.69 36.37 8.08
C ASN A 55 -27.70 35.71 7.14
N VAL A 56 -27.54 34.41 6.89
CA VAL A 56 -28.42 33.67 5.96
C VAL A 56 -29.43 32.76 6.67
N GLU A 57 -30.71 32.99 6.39
CA GLU A 57 -31.77 32.12 6.86
C GLU A 57 -32.28 31.23 5.75
N SER A 58 -32.52 29.98 6.07
CA SER A 58 -33.11 29.04 5.13
C SER A 58 -34.28 28.33 5.79
N VAL A 59 -35.26 27.92 4.98
CA VAL A 59 -36.23 26.94 5.41
C VAL A 59 -35.73 25.57 4.93
N TYR A 60 -35.67 24.61 5.83
CA TYR A 60 -35.21 23.27 5.50
C TYR A 60 -36.38 22.31 5.46
N VAL A 61 -36.35 21.45 4.44
CA VAL A 61 -37.44 20.54 4.14
C VAL A 61 -36.84 19.16 3.87
N ILE A 62 -37.60 18.11 4.18
CA ILE A 62 -37.11 16.73 4.01
C ILE A 62 -38.08 15.84 3.21
N ASP A 63 -39.39 16.11 3.31
CA ASP A 63 -40.44 15.29 2.68
C ASP A 63 -40.46 15.44 1.16
N PRO A 64 -40.34 14.31 0.43
CA PRO A 64 -40.43 14.33 -1.03
C PRO A 64 -41.66 15.06 -1.55
N GLU A 65 -42.75 15.01 -0.79
CA GLU A 65 -43.99 15.68 -1.19
C GLU A 65 -43.82 17.21 -1.20
N ASP A 66 -43.07 17.72 -0.23
CA ASP A 66 -42.73 19.14 -0.17
C ASP A 66 -41.68 19.49 -1.20
N VAL A 67 -40.75 18.57 -1.44
CA VAL A 67 -39.76 18.74 -2.50
C VAL A 67 -40.48 18.96 -3.85
N ALA A 68 -41.50 18.14 -4.11
CA ALA A 68 -42.28 18.22 -5.34
C ALA A 68 -42.93 19.60 -5.55
N LEU A 69 -43.50 20.15 -4.48
CA LEU A 69 -44.13 21.46 -4.57
C LEU A 69 -43.11 22.53 -4.86
N LEU A 70 -41.95 22.43 -4.22
CA LEU A 70 -40.86 23.39 -4.41
C LEU A 70 -40.40 23.44 -5.86
N PHE A 71 -40.13 22.27 -6.43
CA PHE A 71 -39.63 22.20 -7.80
C PHE A 71 -40.70 22.45 -8.86
N LYS A 72 -41.96 22.23 -8.50
CA LYS A 72 -43.09 22.57 -9.38
C LYS A 72 -43.27 24.09 -9.50
N SER A 73 -42.97 24.81 -8.42
CA SER A 73 -43.13 26.27 -8.40
C SER A 73 -41.89 27.00 -8.90
N GLU A 74 -40.94 26.23 -9.44
CA GLU A 74 -39.70 26.77 -9.97
C GLU A 74 -39.93 27.59 -11.23
N GLY A 75 -39.23 28.72 -11.32
CA GLY A 75 -39.29 29.59 -12.50
C GLY A 75 -38.32 29.17 -13.59
N PRO A 76 -38.29 29.92 -14.71
CA PRO A 76 -37.45 29.55 -15.85
C PRO A 76 -35.93 29.68 -15.61
N ASN A 77 -35.53 30.56 -14.68
CA ASN A 77 -34.12 30.75 -14.33
C ASN A 77 -33.85 30.56 -12.82
N PRO A 78 -33.76 29.29 -12.37
CA PRO A 78 -33.62 28.99 -10.95
C PRO A 78 -32.30 29.46 -10.36
N GLU A 79 -32.33 29.86 -9.10
CA GLU A 79 -31.13 30.22 -8.36
C GLU A 79 -30.99 29.31 -7.15
N ARG A 80 -29.80 28.75 -6.96
CA ARG A 80 -29.45 28.00 -5.74
C ARG A 80 -28.59 28.91 -4.88
N PHE A 81 -28.13 28.38 -3.74
CA PHE A 81 -27.25 29.14 -2.86
C PHE A 81 -25.86 29.25 -3.46
N LEU A 82 -25.35 30.47 -3.52
CA LEU A 82 -24.00 30.74 -3.98
C LEU A 82 -23.05 30.70 -2.79
N ILE A 83 -21.90 30.06 -2.98
CA ILE A 83 -20.90 29.94 -1.93
C ILE A 83 -20.14 31.28 -1.80
N PRO A 84 -20.26 31.95 -0.64
CA PRO A 84 -19.73 33.33 -0.56
C PRO A 84 -18.22 33.50 -0.81
N PRO A 85 -17.36 32.60 -0.27
CA PRO A 85 -15.96 32.76 -0.66
C PRO A 85 -15.67 32.57 -2.15
N TRP A 86 -16.48 31.78 -2.85
CA TRP A 86 -16.29 31.62 -4.30
C TRP A 86 -16.67 32.89 -5.04
N VAL A 87 -17.81 33.46 -4.67
CA VAL A 87 -18.27 34.73 -5.23
C VAL A 87 -17.21 35.81 -4.97
N ALA A 88 -16.78 35.95 -3.73
CA ALA A 88 -15.81 36.98 -3.36
C ALA A 88 -14.48 36.82 -4.11
N TYR A 89 -14.02 35.59 -4.29
CA TYR A 89 -12.80 35.36 -5.06
C TYR A 89 -12.92 35.82 -6.51
N HIS A 90 -14.04 35.48 -7.16
CA HIS A 90 -14.25 35.86 -8.56
C HIS A 90 -14.38 37.37 -8.71
N GLN A 91 -15.10 38.01 -7.79
CA GLN A 91 -15.28 39.47 -7.79
C GLN A 91 -13.98 40.23 -7.54
N TYR A 92 -13.27 39.91 -6.47
CA TYR A 92 -12.06 40.66 -6.10
C TYR A 92 -10.90 40.47 -7.08
N TYR A 93 -10.74 39.26 -7.60
CA TYR A 93 -9.64 38.97 -8.51
C TYR A 93 -10.08 39.00 -9.98
N GLN A 94 -11.28 39.57 -10.18
CA GLN A 94 -11.86 39.80 -11.53
C GLN A 94 -11.68 38.59 -12.44
N ARG A 95 -12.16 37.46 -11.95
CA ARG A 95 -12.09 36.21 -12.67
C ARG A 95 -13.40 36.00 -13.42
N PRO A 96 -13.31 35.71 -14.72
CA PRO A 96 -14.54 35.50 -15.50
C PRO A 96 -15.32 34.30 -14.98
N ILE A 97 -16.63 34.46 -14.87
CA ILE A 97 -17.49 33.48 -14.26
C ILE A 97 -18.18 32.62 -15.31
N GLY A 98 -18.44 31.38 -14.94
CA GLY A 98 -19.22 30.49 -15.79
C GLY A 98 -20.63 30.32 -15.26
N VAL A 99 -21.29 29.30 -15.80
CA VAL A 99 -22.69 29.00 -15.53
C VAL A 99 -23.01 28.87 -14.02
N LEU A 100 -22.06 28.37 -13.24
CA LEU A 100 -22.28 28.19 -11.79
C LEU A 100 -22.63 29.51 -11.09
N LEU A 101 -21.92 30.58 -11.42
CA LEU A 101 -22.06 31.85 -10.72
C LEU A 101 -22.94 32.90 -11.39
N LYS A 102 -23.47 32.56 -12.56
CA LYS A 102 -24.35 33.44 -13.30
C LYS A 102 -25.81 33.26 -12.88
N LYS A 103 -26.66 34.22 -13.27
CA LYS A 103 -28.10 34.15 -13.02
C LYS A 103 -28.89 34.63 -14.24
N SER A 104 -30.21 34.48 -14.15
CA SER A 104 -31.16 34.89 -15.19
C SER A 104 -30.67 34.67 -16.62
N ALA A 105 -30.91 35.65 -17.48
CA ALA A 105 -30.65 35.53 -18.91
C ALA A 105 -29.22 35.12 -19.23
N ALA A 106 -28.25 35.71 -18.52
CA ALA A 106 -26.86 35.34 -18.73
C ALA A 106 -26.58 33.85 -18.41
N TRP A 107 -27.24 33.31 -17.39
CA TRP A 107 -27.11 31.90 -17.04
C TRP A 107 -27.73 31.04 -18.13
N LYS A 108 -28.96 31.39 -18.51
CA LYS A 108 -29.71 30.64 -19.51
C LYS A 108 -28.96 30.50 -20.82
N LYS A 109 -28.33 31.60 -21.25
CA LYS A 109 -27.57 31.64 -22.50
C LYS A 109 -26.41 30.64 -22.51
N ASP A 110 -25.60 30.63 -21.45
CA ASP A 110 -24.52 29.64 -21.31
C ASP A 110 -25.08 28.22 -21.19
N ARG A 111 -26.08 28.03 -20.34
CA ARG A 111 -26.65 26.71 -20.11
C ARG A 111 -27.16 26.04 -21.38
N VAL A 112 -27.90 26.79 -22.20
CA VAL A 112 -28.42 26.30 -23.47
C VAL A 112 -27.28 25.90 -24.42
N ALA A 113 -26.30 26.76 -24.58
CA ALA A 113 -25.16 26.43 -25.44
C ALA A 113 -24.43 25.18 -24.92
N LEU A 114 -24.27 25.07 -23.60
CA LEU A 114 -23.57 23.94 -23.00
C LEU A 114 -24.37 22.63 -23.05
N ASN A 115 -25.68 22.71 -22.84
CA ASN A 115 -26.56 21.53 -22.95
C ASN A 115 -26.45 20.83 -24.31
N GLN A 116 -26.35 21.62 -25.38
CA GLN A 116 -26.17 21.06 -26.73
C GLN A 116 -24.95 20.14 -26.83
N GLU A 117 -23.90 20.47 -26.07
CA GLU A 117 -22.63 19.75 -26.20
C GLU A 117 -22.31 18.76 -25.08
N VAL A 118 -22.98 18.89 -23.94
CA VAL A 118 -22.66 18.04 -22.78
C VAL A 118 -23.84 17.22 -22.24
N MET A 119 -25.07 17.62 -22.55
CA MET A 119 -26.28 16.92 -22.09
C MET A 119 -27.02 16.17 -23.19
N ALA A 120 -27.05 16.73 -24.40
CA ALA A 120 -27.87 16.17 -25.50
C ALA A 120 -27.36 14.81 -25.97
N PRO A 121 -28.28 13.85 -26.24
CA PRO A 121 -27.89 12.48 -26.63
C PRO A 121 -27.04 12.43 -27.89
N GLU A 122 -27.32 13.33 -28.83
CA GLU A 122 -26.54 13.45 -30.06
C GLU A 122 -25.08 13.76 -29.77
N ALA A 123 -24.85 14.52 -28.69
CA ALA A 123 -23.49 14.85 -28.27
C ALA A 123 -22.88 13.76 -27.38
N THR A 124 -23.63 13.32 -26.37
CA THR A 124 -23.08 12.41 -25.36
C THR A 124 -22.74 11.00 -25.89
N LYS A 125 -23.44 10.55 -26.93
CA LYS A 125 -23.09 9.27 -27.56
C LYS A 125 -21.61 9.24 -27.97
N ASN A 126 -21.01 10.40 -28.22
CA ASN A 126 -19.59 10.49 -28.57
C ASN A 126 -18.64 10.29 -27.38
N PHE A 127 -19.16 10.43 -26.16
CA PHE A 127 -18.33 10.31 -24.98
C PHE A 127 -17.89 8.86 -24.73
N LEU A 128 -18.68 7.89 -25.18
CA LEU A 128 -18.48 6.48 -24.79
C LEU A 128 -17.06 5.95 -24.98
N PRO A 129 -16.51 6.04 -26.20
CA PRO A 129 -15.16 5.50 -26.40
C PRO A 129 -14.08 6.27 -25.63
N LEU A 130 -14.29 7.59 -25.47
CA LEU A 130 -13.35 8.43 -24.74
C LEU A 130 -13.32 8.06 -23.27
N LEU A 131 -14.48 7.71 -22.71
CA LEU A 131 -14.55 7.36 -21.29
C LEU A 131 -14.13 5.90 -21.09
N ASP A 132 -14.58 5.01 -21.98
CA ASP A 132 -14.21 3.59 -21.94
C ASP A 132 -12.69 3.38 -21.99
N ALA A 133 -12.01 4.12 -22.86
CA ALA A 133 -10.54 4.12 -22.93
C ALA A 133 -9.87 4.41 -21.58
N VAL A 134 -10.38 5.40 -20.84
CA VAL A 134 -9.81 5.75 -19.55
C VAL A 134 -10.08 4.65 -18.51
N SER A 135 -11.29 4.11 -18.50
CA SER A 135 -11.65 3.03 -17.58
C SER A 135 -10.83 1.76 -17.83
N ARG A 136 -10.64 1.43 -19.11
CA ARG A 136 -9.83 0.28 -19.47
C ARG A 136 -8.40 0.44 -18.98
N ASP A 137 -7.87 1.67 -19.08
CA ASP A 137 -6.55 1.99 -18.52
C ASP A 137 -6.50 1.86 -16.99
N PHE A 138 -7.56 2.26 -16.31
CA PHE A 138 -7.64 2.10 -14.85
C PHE A 138 -7.54 0.62 -14.45
N VAL A 139 -8.28 -0.23 -15.16
CA VAL A 139 -8.21 -1.69 -14.96
C VAL A 139 -6.77 -2.21 -15.12
N SER A 140 -6.09 -1.77 -16.18
CA SER A 140 -4.69 -2.12 -16.43
C SER A 140 -3.75 -1.70 -15.30
N VAL A 141 -4.04 -0.54 -14.69
CA VAL A 141 -3.28 -0.08 -13.52
C VAL A 141 -3.37 -1.11 -12.39
N LEU A 142 -4.60 -1.54 -12.08
CA LEU A 142 -4.82 -2.48 -11.00
C LEU A 142 -4.19 -3.86 -11.28
N HIS A 143 -4.34 -4.37 -12.50
CA HIS A 143 -3.72 -5.66 -12.89
C HIS A 143 -2.20 -5.62 -12.70
N ARG A 144 -1.63 -4.47 -13.03
CA ARG A 144 -0.20 -4.21 -12.86
C ARG A 144 0.19 -4.24 -11.38
N ARG A 145 -0.62 -3.60 -10.52
CA ARG A 145 -0.33 -3.59 -9.10
C ARG A 145 -0.49 -4.97 -8.47
N ILE A 146 -1.40 -5.78 -9.04
CA ILE A 146 -1.61 -7.15 -8.57
C ILE A 146 -0.36 -8.01 -8.83
N LYS A 147 0.15 -7.96 -10.08
CA LYS A 147 1.35 -8.69 -10.48
C LYS A 147 2.55 -8.29 -9.62
N LYS A 148 2.71 -6.99 -9.41
CA LYS A 148 3.81 -6.45 -8.62
C LYS A 148 3.75 -6.95 -7.16
N ALA A 149 2.54 -7.02 -6.61
CA ALA A 149 2.30 -7.50 -5.24
C ALA A 149 2.76 -8.95 -5.02
N GLY A 150 2.61 -9.77 -6.06
CA GLY A 150 3.05 -11.17 -6.03
C GLY A 150 2.11 -12.07 -5.24
N SER A 151 1.02 -11.48 -4.75
CA SER A 151 0.10 -12.17 -3.85
C SER A 151 -1.17 -12.67 -4.52
N GLY A 152 -1.34 -12.38 -5.81
CA GLY A 152 -2.58 -12.71 -6.50
C GLY A 152 -3.73 -11.76 -6.17
N ASN A 153 -3.39 -10.62 -5.57
CA ASN A 153 -4.37 -9.58 -5.25
C ASN A 153 -3.67 -8.25 -5.01
N TYR A 154 -4.44 -7.19 -4.80
CA TYR A 154 -3.88 -5.90 -4.43
C TYR A 154 -4.74 -5.18 -3.40
N SER A 155 -4.10 -4.75 -2.31
CA SER A 155 -4.75 -4.01 -1.25
C SER A 155 -4.20 -2.61 -1.19
N GLY A 156 -5.10 -1.63 -1.14
CA GLY A 156 -4.71 -0.24 -1.06
C GLY A 156 -5.85 0.76 -1.01
N ASP A 157 -5.53 1.92 -0.45
CA ASP A 157 -6.36 3.11 -0.54
C ASP A 157 -6.11 3.68 -1.94
N ILE A 158 -7.14 3.66 -2.77
CA ILE A 158 -7.02 4.12 -4.16
C ILE A 158 -7.70 5.47 -4.44
N SER A 159 -7.95 6.25 -3.38
CA SER A 159 -8.61 7.55 -3.52
C SER A 159 -7.83 8.47 -4.48
N ASP A 160 -6.51 8.54 -4.33
CA ASP A 160 -5.69 9.36 -5.22
C ASP A 160 -5.79 8.92 -6.67
N ASP A 161 -5.84 7.61 -6.88
CA ASP A 161 -6.01 7.04 -8.20
C ASP A 161 -7.38 7.35 -8.78
N LEU A 162 -8.39 7.38 -7.92
CA LEU A 162 -9.74 7.73 -8.35
C LEU A 162 -9.82 9.19 -8.78
N PHE A 163 -9.13 10.08 -8.05
CA PHE A 163 -9.04 11.49 -8.44
C PHE A 163 -8.36 11.65 -9.80
N ARG A 164 -7.26 10.93 -10.00
CA ARG A 164 -6.56 10.93 -11.29
C ARG A 164 -7.46 10.34 -12.39
N PHE A 165 -8.21 9.29 -12.05
CA PHE A 165 -9.16 8.71 -13.01
C PHE A 165 -10.22 9.72 -13.43
N ALA A 166 -10.79 10.42 -12.46
CA ALA A 166 -11.84 11.41 -12.75
C ALA A 166 -11.31 12.56 -13.60
N PHE A 167 -10.08 12.98 -13.31
CA PHE A 167 -9.40 14.02 -14.10
C PHE A 167 -9.14 13.58 -15.55
N GLU A 168 -8.60 12.38 -15.75
CA GLU A 168 -8.37 11.86 -17.09
C GLU A 168 -9.66 11.82 -17.87
N SER A 169 -10.73 11.40 -17.21
CA SER A 169 -12.02 11.25 -17.85
C SER A 169 -12.58 12.59 -18.32
N ILE A 170 -12.64 13.56 -17.41
CA ILE A 170 -13.21 14.87 -17.75
C ILE A 170 -12.37 15.62 -18.80
N THR A 171 -11.05 15.51 -18.72
CA THR A 171 -10.16 16.14 -19.70
C THR A 171 -10.26 15.43 -21.06
N ASN A 172 -10.43 14.12 -21.04
CA ASN A 172 -10.55 13.39 -22.29
C ASN A 172 -11.76 13.80 -23.08
N VAL A 173 -12.91 13.98 -22.42
CA VAL A 173 -14.11 14.37 -23.14
C VAL A 173 -14.12 15.86 -23.51
N ILE A 174 -13.46 16.69 -22.70
CA ILE A 174 -13.38 18.12 -23.01
C ILE A 174 -12.36 18.37 -24.11
N PHE A 175 -11.15 17.83 -23.96
CA PHE A 175 -10.05 18.10 -24.88
C PHE A 175 -9.84 17.07 -25.99
N GLY A 176 -10.43 15.88 -25.84
CA GLY A 176 -10.16 14.78 -26.77
C GLY A 176 -8.71 14.34 -26.75
N GLU A 177 -8.03 14.59 -25.63
CA GLU A 177 -6.62 14.23 -25.46
C GLU A 177 -6.37 13.63 -24.09
N ARG A 178 -5.55 12.59 -24.06
CA ARG A 178 -5.14 11.92 -22.84
C ARG A 178 -4.06 12.72 -22.12
N GLN A 179 -4.28 12.98 -20.83
CA GLN A 179 -3.31 13.72 -20.03
C GLN A 179 -2.25 12.80 -19.42
N GLY A 180 -2.48 11.49 -19.52
CA GLY A 180 -1.52 10.49 -19.02
C GLY A 180 -1.43 10.34 -17.51
N MET A 181 -2.52 10.67 -16.80
CA MET A 181 -2.53 10.57 -15.34
C MET A 181 -2.65 9.13 -14.82
N LEU A 182 -2.92 8.18 -15.70
CA LEU A 182 -2.98 6.78 -15.30
C LEU A 182 -1.66 6.02 -15.57
N GLU A 183 -0.69 6.73 -16.15
CA GLU A 183 0.67 6.21 -16.31
C GLU A 183 1.44 6.08 -14.99
N GLU A 184 2.50 5.29 -15.02
CA GLU A 184 3.39 5.13 -13.87
C GLU A 184 4.07 6.44 -13.48
N VAL A 185 4.52 7.19 -14.48
CA VAL A 185 5.14 8.50 -14.26
C VAL A 185 4.15 9.57 -14.68
N VAL A 186 3.75 10.39 -13.72
CA VAL A 186 2.62 11.30 -13.89
C VAL A 186 3.13 12.73 -14.14
N ASN A 187 2.31 13.53 -14.81
CA ASN A 187 2.56 14.96 -14.96
C ASN A 187 2.37 15.67 -13.62
N PRO A 188 3.47 16.17 -13.03
CA PRO A 188 3.36 16.80 -11.70
C PRO A 188 2.52 18.09 -11.69
N GLU A 189 2.43 18.78 -12.83
CA GLU A 189 1.64 20.02 -12.91
C GLU A 189 0.14 19.72 -12.97
N ALA A 190 -0.21 18.65 -13.65
CA ALA A 190 -1.59 18.16 -13.65
C ALA A 190 -1.98 17.64 -12.26
N GLN A 191 -1.07 16.98 -11.57
CA GLN A 191 -1.31 16.55 -10.19
C GLN A 191 -1.58 17.76 -9.28
N ARG A 192 -0.81 18.83 -9.50
CA ARG A 192 -0.97 20.07 -8.75
C ARG A 192 -2.36 20.68 -8.99
N PHE A 193 -2.89 20.53 -10.20
CA PHE A 193 -4.24 20.98 -10.52
C PHE A 193 -5.31 20.21 -9.73
N ILE A 194 -5.18 18.88 -9.72
CA ILE A 194 -6.07 18.00 -8.97
C ILE A 194 -6.06 18.36 -7.48
N ASP A 195 -4.87 18.54 -6.91
CA ASP A 195 -4.72 18.87 -5.49
C ASP A 195 -5.36 20.22 -5.13
N ALA A 196 -5.26 21.18 -6.04
CA ALA A 196 -5.82 22.51 -5.79
C ALA A 196 -7.35 22.49 -5.75
N ILE A 197 -7.96 21.60 -6.53
CA ILE A 197 -9.41 21.47 -6.53
C ILE A 197 -9.88 21.02 -5.15
N TYR A 198 -9.21 20.00 -4.61
CA TYR A 198 -9.56 19.49 -3.28
C TYR A 198 -9.32 20.57 -2.20
N GLN A 199 -8.19 21.26 -2.33
CA GLN A 199 -7.81 22.33 -1.41
C GLN A 199 -8.83 23.47 -1.44
N MET A 200 -9.32 23.80 -2.63
CA MET A 200 -10.37 24.81 -2.80
C MET A 200 -11.66 24.44 -2.03
N PHE A 201 -12.11 23.19 -2.18
CA PHE A 201 -13.25 22.71 -1.41
C PHE A 201 -12.97 22.73 0.10
N HIS A 202 -11.86 22.14 0.50
CA HIS A 202 -11.48 22.03 1.92
C HIS A 202 -11.38 23.40 2.58
N THR A 203 -10.69 24.35 1.94
CA THR A 203 -10.55 25.69 2.53
C THR A 203 -11.84 26.50 2.49
N SER A 204 -12.86 26.02 1.77
CA SER A 204 -14.12 26.77 1.71
C SER A 204 -14.84 26.71 3.06
N VAL A 205 -14.68 25.57 3.74
CA VAL A 205 -15.48 25.25 4.91
C VAL A 205 -15.42 26.28 6.06
N PRO A 206 -14.21 26.72 6.48
CA PRO A 206 -14.15 27.67 7.60
C PRO A 206 -14.75 29.05 7.30
N MET A 207 -15.14 29.31 6.05
CA MET A 207 -15.69 30.60 5.69
C MET A 207 -17.19 30.57 5.41
N LEU A 208 -17.77 29.38 5.43
CA LEU A 208 -19.12 29.11 4.87
C LEU A 208 -20.31 29.97 5.30
N ASN A 209 -20.44 30.21 6.59
CA ASN A 209 -21.61 30.91 7.11
C ASN A 209 -21.31 32.36 7.50
N LEU A 210 -20.36 32.97 6.79
CA LEU A 210 -19.90 34.31 7.11
C LEU A 210 -19.99 35.23 5.90
N PRO A 211 -20.37 36.51 6.13
CA PRO A 211 -20.24 37.50 5.05
C PRO A 211 -18.75 37.74 4.72
N PRO A 212 -18.45 38.14 3.47
CA PRO A 212 -17.03 38.31 3.10
C PRO A 212 -16.26 39.31 3.97
N ASP A 213 -16.93 40.33 4.52
CA ASP A 213 -16.31 41.30 5.45
C ASP A 213 -15.68 40.63 6.67
N LEU A 214 -16.22 39.48 7.09
CA LEU A 214 -15.66 38.76 8.23
C LEU A 214 -14.58 37.73 7.87
N PHE A 215 -14.53 37.28 6.60
CA PHE A 215 -13.51 36.31 6.09
C PHE A 215 -12.15 36.74 6.49
N ARG A 216 -11.78 37.91 5.97
CA ARG A 216 -10.44 38.46 6.13
C ARG A 216 -10.12 38.83 7.56
N LEU A 217 -11.14 39.08 8.36
CA LEU A 217 -10.93 39.43 9.76
C LEU A 217 -10.61 38.20 10.59
N PHE A 218 -11.40 37.13 10.40
CA PHE A 218 -11.31 35.97 11.29
C PHE A 218 -10.78 34.69 10.65
N ARG A 219 -10.65 34.68 9.33
CA ARG A 219 -10.21 33.48 8.61
C ARG A 219 -9.13 33.85 7.60
N THR A 220 -8.24 34.76 8.01
CA THR A 220 -7.24 35.35 7.09
C THR A 220 -6.42 34.28 6.43
N LYS A 221 -5.87 33.35 7.21
CA LYS A 221 -5.06 32.29 6.65
C LYS A 221 -5.83 31.39 5.67
N THR A 222 -7.05 31.01 6.05
CA THR A 222 -7.91 30.16 5.23
C THR A 222 -8.26 30.84 3.90
N TRP A 223 -8.59 32.12 3.96
CA TRP A 223 -8.91 32.90 2.79
C TRP A 223 -7.70 32.97 1.85
N LYS A 224 -6.52 33.21 2.43
CA LYS A 224 -5.29 33.24 1.65
C LYS A 224 -5.05 31.90 0.96
N ASP A 225 -5.19 30.79 1.69
CA ASP A 225 -5.02 29.45 1.11
C ASP A 225 -6.03 29.17 -0.02
N HIS A 226 -7.25 29.63 0.19
CA HIS A 226 -8.36 29.45 -0.73
C HIS A 226 -8.11 30.20 -2.04
N VAL A 227 -7.69 31.47 -1.93
CA VAL A 227 -7.25 32.28 -3.07
C VAL A 227 -6.17 31.57 -3.87
N ALA A 228 -5.17 31.01 -3.18
CA ALA A 228 -4.08 30.32 -3.88
C ALA A 228 -4.56 29.07 -4.61
N ALA A 229 -5.52 28.35 -4.03
CA ALA A 229 -6.09 27.16 -4.68
C ALA A 229 -6.81 27.52 -5.98
N TRP A 230 -7.70 28.51 -5.93
CA TRP A 230 -8.39 28.98 -7.14
C TRP A 230 -7.41 29.47 -8.22
N ASP A 231 -6.34 30.16 -7.80
CA ASP A 231 -5.32 30.66 -8.74
C ASP A 231 -4.68 29.54 -9.55
N VAL A 232 -4.41 28.41 -8.90
CA VAL A 232 -3.90 27.22 -9.58
C VAL A 232 -4.96 26.71 -10.55
N ILE A 233 -6.20 26.57 -10.07
CA ILE A 233 -7.31 26.13 -10.92
C ILE A 233 -7.38 26.97 -12.20
N PHE A 234 -7.44 28.29 -12.04
CA PHE A 234 -7.56 29.20 -13.18
C PHE A 234 -6.32 29.24 -14.07
N SER A 235 -5.14 29.29 -13.50
CA SER A 235 -3.94 29.44 -14.32
C SER A 235 -3.75 28.23 -15.24
N LYS A 236 -3.99 27.04 -14.69
CA LYS A 236 -3.86 25.82 -15.48
C LYS A 236 -5.02 25.58 -16.46
N ALA A 237 -6.25 25.86 -16.04
CA ALA A 237 -7.38 25.71 -16.98
C ALA A 237 -7.25 26.70 -18.14
N ASP A 238 -6.77 27.91 -17.86
CA ASP A 238 -6.48 28.91 -18.89
C ASP A 238 -5.47 28.37 -19.91
N ILE A 239 -4.36 27.83 -19.42
CA ILE A 239 -3.31 27.29 -20.28
C ILE A 239 -3.82 26.16 -21.19
N TYR A 240 -4.53 25.19 -20.61
CA TYR A 240 -5.12 24.10 -21.40
C TYR A 240 -5.96 24.64 -22.54
N THR A 241 -6.88 25.54 -22.22
CA THR A 241 -7.80 26.11 -23.20
C THR A 241 -7.06 26.92 -24.26
N GLN A 242 -6.08 27.71 -23.84
CA GLN A 242 -5.35 28.60 -24.73
C GLN A 242 -4.44 27.80 -25.68
N ASN A 243 -3.74 26.80 -25.14
CA ASN A 243 -2.93 25.89 -25.97
C ASN A 243 -3.79 25.19 -27.02
N PHE A 244 -4.98 24.74 -26.62
CA PHE A 244 -5.89 24.01 -27.51
C PHE A 244 -6.39 24.92 -28.63
N TYR A 245 -6.72 26.15 -28.26
CA TYR A 245 -7.19 27.15 -29.21
C TYR A 245 -6.16 27.38 -30.31
N TRP A 246 -4.89 27.53 -29.94
CA TRP A 246 -3.82 27.79 -30.92
C TRP A 246 -3.40 26.55 -31.72
N GLU A 247 -3.36 25.40 -31.07
CA GLU A 247 -3.09 24.13 -31.75
C GLU A 247 -4.16 23.81 -32.79
N LEU A 248 -5.38 24.25 -32.52
CA LEU A 248 -6.49 24.05 -33.45
C LEU A 248 -6.24 24.80 -34.77
N ARG A 249 -5.58 25.95 -34.67
CA ARG A 249 -5.26 26.76 -35.83
C ARG A 249 -4.00 26.26 -36.54
N GLN A 250 -3.09 25.65 -35.78
CA GLN A 250 -1.87 25.07 -36.35
C GLN A 250 -2.14 23.81 -37.18
N LYS A 251 -3.18 23.07 -36.82
CA LYS A 251 -3.49 21.77 -37.46
C LYS A 251 -4.63 21.82 -38.47
N GLY A 252 -5.47 22.85 -38.39
CA GLY A 252 -6.68 22.93 -39.20
C GLY A 252 -7.91 22.48 -38.43
N SER A 253 -9.08 22.89 -38.94
CA SER A 253 -10.36 22.60 -38.30
C SER A 253 -11.26 21.81 -39.25
N VAL A 254 -10.65 20.84 -39.94
CA VAL A 254 -11.32 19.96 -40.89
C VAL A 254 -11.22 18.52 -40.35
N HIS A 255 -12.21 18.11 -39.57
CA HIS A 255 -12.22 16.80 -38.93
C HIS A 255 -13.60 16.17 -38.96
N HIS A 256 -13.66 14.95 -39.46
CA HIS A 256 -14.92 14.21 -39.52
C HIS A 256 -15.12 13.40 -38.23
N ASP A 257 -14.03 13.01 -37.58
CA ASP A 257 -14.10 12.31 -36.29
C ASP A 257 -14.39 13.28 -35.15
N TYR A 258 -14.98 12.76 -34.08
CA TYR A 258 -15.25 13.55 -32.86
C TYR A 258 -13.96 13.93 -32.12
N ARG A 259 -13.83 15.22 -31.81
CA ARG A 259 -12.60 15.75 -31.21
C ARG A 259 -12.78 16.25 -29.78
N GLY A 260 -13.97 16.10 -29.21
CA GLY A 260 -14.23 16.55 -27.83
C GLY A 260 -15.13 17.76 -27.72
N ILE A 261 -15.52 18.10 -26.49
CA ILE A 261 -16.45 19.19 -26.23
C ILE A 261 -15.91 20.58 -26.65
N LEU A 262 -14.64 20.84 -26.33
CA LEU A 262 -14.05 22.15 -26.60
C LEU A 262 -14.02 22.47 -28.10
N TYR A 263 -13.57 21.49 -28.89
CA TYR A 263 -13.56 21.59 -30.35
C TYR A 263 -14.90 22.05 -30.88
N ARG A 264 -15.97 21.43 -30.38
CA ARG A 264 -17.34 21.75 -30.80
C ARG A 264 -17.72 23.18 -30.41
N LEU A 265 -17.38 23.58 -29.19
CA LEU A 265 -17.76 24.89 -28.71
C LEU A 265 -17.02 25.98 -29.46
N LEU A 266 -15.71 25.81 -29.64
CA LEU A 266 -14.88 26.75 -30.39
C LEU A 266 -15.26 26.81 -31.87
N GLY A 267 -15.68 25.67 -32.41
CA GLY A 267 -16.02 25.53 -33.81
C GLY A 267 -17.38 26.05 -34.21
N ASP A 268 -18.37 25.91 -33.32
CA ASP A 268 -19.76 26.25 -33.64
C ASP A 268 -20.66 26.39 -32.41
N SER A 269 -20.63 27.56 -31.78
CA SER A 269 -21.57 27.87 -30.71
C SER A 269 -21.82 29.36 -30.57
N LYS A 270 -22.90 29.71 -29.86
CA LYS A 270 -23.24 31.10 -29.61
C LYS A 270 -22.39 31.74 -28.50
N MET A 271 -21.52 30.95 -27.89
CA MET A 271 -20.67 31.43 -26.79
C MET A 271 -19.43 32.18 -27.30
N SER A 272 -19.10 33.26 -26.62
CA SER A 272 -17.81 33.91 -26.84
C SER A 272 -16.70 33.01 -26.29
N PHE A 273 -15.47 33.26 -26.73
CA PHE A 273 -14.31 32.56 -26.20
C PHE A 273 -14.22 32.71 -24.68
N GLU A 274 -14.56 33.91 -24.21
CA GLU A 274 -14.54 34.27 -22.79
C GLU A 274 -15.45 33.36 -21.95
N ASP A 275 -16.68 33.16 -22.44
CA ASP A 275 -17.65 32.30 -21.78
C ASP A 275 -17.26 30.81 -21.86
N ILE A 276 -16.66 30.42 -22.97
CA ILE A 276 -16.25 29.04 -23.18
C ILE A 276 -15.18 28.66 -22.17
N LYS A 277 -14.14 29.48 -22.11
CA LYS A 277 -13.00 29.29 -21.24
C LYS A 277 -13.41 29.28 -19.76
N ALA A 278 -14.34 30.15 -19.40
CA ALA A 278 -14.83 30.20 -18.02
C ALA A 278 -15.56 28.91 -17.66
N ASN A 279 -16.35 28.40 -18.59
CA ASN A 279 -17.09 27.16 -18.37
C ASN A 279 -16.25 25.89 -18.41
N VAL A 280 -15.18 25.91 -19.20
CA VAL A 280 -14.24 24.80 -19.22
C VAL A 280 -13.62 24.66 -17.84
N THR A 281 -13.18 25.79 -17.27
CA THR A 281 -12.63 25.81 -15.92
C THR A 281 -13.59 25.18 -14.92
N GLU A 282 -14.86 25.58 -14.97
CA GLU A 282 -15.87 25.08 -14.04
C GLU A 282 -16.20 23.60 -14.26
N MET A 283 -16.22 23.16 -15.51
CA MET A 283 -16.47 21.75 -15.80
C MET A 283 -15.31 20.87 -15.31
N LEU A 284 -14.08 21.33 -15.54
CA LEU A 284 -12.90 20.64 -15.05
C LEU A 284 -12.88 20.50 -13.53
N ALA A 285 -13.16 21.60 -12.83
CA ALA A 285 -13.10 21.60 -11.37
C ALA A 285 -14.27 20.88 -10.71
N GLY A 286 -15.42 20.86 -11.41
CA GLY A 286 -16.62 20.23 -10.89
C GLY A 286 -16.65 18.72 -11.09
N GLY A 287 -15.71 18.20 -11.86
CA GLY A 287 -15.74 16.80 -12.25
C GLY A 287 -14.68 15.86 -11.67
N VAL A 288 -13.80 16.38 -10.82
CA VAL A 288 -12.71 15.57 -10.30
C VAL A 288 -13.10 14.92 -8.96
N ASP A 289 -13.57 15.73 -8.01
CA ASP A 289 -13.86 15.25 -6.66
C ASP A 289 -15.22 14.55 -6.58
N THR A 290 -16.09 14.85 -7.55
CA THR A 290 -17.45 14.38 -7.55
C THR A 290 -17.59 12.91 -7.91
N THR A 291 -17.18 12.54 -9.12
CA THR A 291 -17.34 11.18 -9.61
C THR A 291 -16.42 10.21 -8.88
N SER A 292 -15.23 10.69 -8.51
CA SER A 292 -14.25 9.88 -7.80
C SER A 292 -14.72 9.46 -6.39
N MET A 293 -15.25 10.39 -5.60
CA MET A 293 -15.76 10.06 -4.27
C MET A 293 -17.02 9.19 -4.36
N THR A 294 -17.83 9.47 -5.38
CA THR A 294 -19.05 8.72 -5.60
C THR A 294 -18.72 7.26 -5.95
N LEU A 295 -17.75 7.07 -6.85
CA LEU A 295 -17.28 5.74 -7.22
C LEU A 295 -16.61 5.01 -6.06
N GLN A 296 -15.84 5.72 -5.26
CA GLN A 296 -15.28 5.12 -4.05
C GLN A 296 -16.37 4.59 -3.11
N TRP A 297 -17.45 5.37 -2.94
CA TRP A 297 -18.58 4.93 -2.13
C TRP A 297 -19.28 3.71 -2.74
N HIS A 298 -19.37 3.68 -4.08
CA HIS A 298 -20.00 2.56 -4.77
C HIS A 298 -19.21 1.28 -4.53
N LEU A 299 -17.89 1.36 -4.69
CA LEU A 299 -17.01 0.22 -4.44
C LEU A 299 -17.13 -0.24 -3.00
N TYR A 300 -17.22 0.72 -2.09
CA TYR A 300 -17.39 0.45 -0.66
C TYR A 300 -18.70 -0.30 -0.39
N GLU A 301 -19.80 0.14 -1.01
CA GLU A 301 -21.10 -0.53 -0.81
C GLU A 301 -21.12 -1.96 -1.38
N MET A 302 -20.38 -2.17 -2.47
CA MET A 302 -20.26 -3.51 -3.07
C MET A 302 -19.47 -4.47 -2.18
N ALA A 303 -18.40 -3.95 -1.56
CA ALA A 303 -17.61 -4.73 -0.61
C ALA A 303 -18.39 -5.01 0.68
N ARG A 304 -19.31 -4.10 1.01
CA ARG A 304 -20.12 -4.20 2.24
C ARG A 304 -21.33 -5.13 2.03
N ASN A 305 -21.70 -5.33 0.77
CA ASN A 305 -22.81 -6.19 0.41
C ASN A 305 -22.44 -7.09 -0.77
N LEU A 306 -21.78 -8.20 -0.45
CA LEU A 306 -21.23 -9.08 -1.48
C LEU A 306 -22.29 -9.72 -2.38
N LYS A 307 -23.48 -9.98 -1.84
CA LYS A 307 -24.60 -10.50 -2.63
C LYS A 307 -25.01 -9.53 -3.75
N VAL A 308 -25.10 -8.24 -3.42
CA VAL A 308 -25.41 -7.21 -4.41
C VAL A 308 -24.29 -7.13 -5.46
N GLN A 309 -23.05 -7.24 -5.01
CA GLN A 309 -21.91 -7.25 -5.94
C GLN A 309 -22.03 -8.39 -6.96
N ASP A 310 -22.33 -9.59 -6.48
CA ASP A 310 -22.58 -10.76 -7.35
C ASP A 310 -23.68 -10.50 -8.38
N MET A 311 -24.79 -9.91 -7.93
CA MET A 311 -25.93 -9.61 -8.80
C MET A 311 -25.54 -8.64 -9.90
N LEU A 312 -24.77 -7.62 -9.52
CA LEU A 312 -24.34 -6.59 -10.46
C LEU A 312 -23.36 -7.16 -11.49
N ARG A 313 -22.41 -7.99 -11.03
CA ARG A 313 -21.46 -8.62 -11.95
C ARG A 313 -22.17 -9.53 -12.95
N ALA A 314 -23.10 -10.36 -12.46
CA ALA A 314 -23.87 -11.25 -13.33
C ALA A 314 -24.65 -10.46 -14.36
N GLU A 315 -25.21 -9.32 -13.95
CA GLU A 315 -25.93 -8.45 -14.88
C GLU A 315 -25.01 -7.90 -15.97
N VAL A 316 -23.80 -7.51 -15.59
CA VAL A 316 -22.83 -6.96 -16.53
C VAL A 316 -22.33 -8.00 -17.53
N LEU A 317 -21.97 -9.18 -17.03
CA LEU A 317 -21.49 -10.28 -17.87
C LEU A 317 -22.54 -10.66 -18.92
N ALA A 318 -23.81 -10.71 -18.50
CA ALA A 318 -24.91 -11.02 -19.41
C ALA A 318 -25.12 -9.90 -20.41
N ALA A 319 -24.90 -8.65 -19.97
CA ALA A 319 -25.05 -7.51 -20.86
C ALA A 319 -23.97 -7.49 -21.93
N ARG A 320 -22.72 -7.75 -21.54
CA ARG A 320 -21.59 -7.79 -22.48
C ARG A 320 -21.77 -8.90 -23.52
N HIS A 321 -22.38 -10.01 -23.10
CA HIS A 321 -22.63 -11.13 -24.00
C HIS A 321 -23.75 -10.84 -24.99
N GLN A 322 -24.88 -10.35 -24.50
CA GLN A 322 -26.01 -10.05 -25.36
C GLN A 322 -25.69 -8.93 -26.35
N ALA A 323 -24.92 -7.94 -25.89
CA ALA A 323 -24.54 -6.80 -26.73
C ALA A 323 -23.44 -7.18 -27.72
N GLN A 324 -22.95 -8.41 -27.60
CA GLN A 324 -21.82 -8.90 -28.39
C GLN A 324 -20.67 -7.91 -28.30
N GLY A 325 -20.42 -7.41 -27.08
CA GLY A 325 -19.27 -6.55 -26.80
C GLY A 325 -19.44 -5.06 -26.99
N ASP A 326 -20.51 -4.65 -27.70
CA ASP A 326 -20.73 -3.22 -27.97
C ASP A 326 -21.13 -2.44 -26.70
N MET A 327 -20.35 -1.40 -26.37
CA MET A 327 -20.57 -0.62 -25.15
C MET A 327 -21.90 0.11 -25.16
N ALA A 328 -22.19 0.81 -26.27
CA ALA A 328 -23.47 1.52 -26.42
C ALA A 328 -24.68 0.61 -26.19
N THR A 329 -24.61 -0.61 -26.72
CA THR A 329 -25.69 -1.58 -26.55
C THR A 329 -25.76 -2.11 -25.10
N MET A 330 -24.59 -2.33 -24.50
CA MET A 330 -24.48 -2.76 -23.10
C MET A 330 -25.18 -1.85 -22.11
N LEU A 331 -25.00 -0.54 -22.31
CA LEU A 331 -25.52 0.49 -21.41
C LEU A 331 -27.04 0.51 -21.35
N GLN A 332 -27.67 -0.25 -22.25
CA GLN A 332 -29.13 -0.39 -22.28
C GLN A 332 -29.61 -1.67 -21.59
N LEU A 333 -28.66 -2.52 -21.21
CA LEU A 333 -28.95 -3.84 -20.65
C LEU A 333 -28.43 -3.98 -19.24
N VAL A 334 -28.28 -2.85 -18.55
CA VAL A 334 -27.66 -2.87 -17.23
C VAL A 334 -28.45 -2.02 -16.20
N PRO A 335 -29.79 -2.22 -16.15
CA PRO A 335 -30.66 -1.40 -15.31
C PRO A 335 -30.38 -1.49 -13.80
N LEU A 336 -29.98 -2.67 -13.32
CA LEU A 336 -29.61 -2.82 -11.91
C LEU A 336 -28.34 -2.02 -11.55
N LEU A 337 -27.38 -1.96 -12.47
CA LEU A 337 -26.17 -1.15 -12.25
C LEU A 337 -26.51 0.34 -12.19
N LYS A 338 -27.34 0.80 -13.12
CA LYS A 338 -27.79 2.18 -13.12
C LYS A 338 -28.54 2.53 -11.85
N ALA A 339 -29.41 1.62 -11.41
CA ALA A 339 -30.13 1.76 -10.14
C ALA A 339 -29.18 1.79 -8.95
N SER A 340 -28.05 1.10 -9.06
CA SER A 340 -27.06 1.03 -7.98
C SER A 340 -26.30 2.35 -7.83
N ILE A 341 -26.18 3.10 -8.94
CA ILE A 341 -25.64 4.45 -8.91
C ILE A 341 -26.61 5.41 -8.18
N LYS A 342 -27.90 5.32 -8.48
CA LYS A 342 -28.92 6.08 -7.74
C LYS A 342 -28.89 5.75 -6.25
N GLU A 343 -28.76 4.46 -5.95
CA GLU A 343 -28.65 3.99 -4.57
C GLU A 343 -27.41 4.52 -3.87
N THR A 344 -26.29 4.61 -4.59
CA THR A 344 -25.07 5.17 -4.02
C THR A 344 -25.27 6.64 -3.67
N LEU A 345 -25.87 7.39 -4.58
CA LEU A 345 -26.12 8.81 -4.36
C LEU A 345 -27.18 9.12 -3.30
N ARG A 346 -28.13 8.21 -3.09
CA ARG A 346 -29.12 8.38 -2.02
C ARG A 346 -28.44 8.35 -0.65
N LEU A 347 -27.57 7.37 -0.45
CA LEU A 347 -26.83 7.22 0.79
C LEU A 347 -25.68 8.20 0.91
N HIS A 348 -25.06 8.52 -0.23
CA HIS A 348 -23.84 9.32 -0.23
C HIS A 348 -23.94 10.45 -1.25
N PRO A 349 -24.84 11.41 -1.01
CA PRO A 349 -24.90 12.53 -1.93
C PRO A 349 -23.61 13.34 -1.82
N ILE A 350 -23.21 13.96 -2.92
CA ILE A 350 -22.05 14.84 -2.92
C ILE A 350 -22.46 16.17 -2.27
N SER A 351 -23.72 16.55 -2.49
CA SER A 351 -24.31 17.79 -2.05
C SER A 351 -25.20 17.55 -0.81
N VAL A 352 -24.86 18.11 0.35
CA VAL A 352 -25.69 17.91 1.55
C VAL A 352 -27.14 18.29 1.34
N THR A 353 -27.36 19.34 0.55
CA THR A 353 -28.68 19.86 0.27
C THR A 353 -28.77 20.26 -1.20
N LEU A 354 -30.00 20.43 -1.68
CA LEU A 354 -30.30 21.24 -2.85
C LEU A 354 -30.93 22.53 -2.34
N GLN A 355 -30.75 23.63 -3.04
CA GLN A 355 -31.39 24.88 -2.63
C GLN A 355 -32.04 25.61 -3.82
N ARG A 356 -33.16 26.25 -3.55
CA ARG A 356 -33.77 27.18 -4.49
C ARG A 356 -34.27 28.41 -3.73
N TYR A 357 -34.05 29.60 -4.30
CA TYR A 357 -34.74 30.79 -3.82
C TYR A 357 -36.13 30.82 -4.46
N LEU A 358 -37.16 31.06 -3.66
CA LEU A 358 -38.53 31.14 -4.17
C LEU A 358 -38.73 32.38 -5.04
N VAL A 359 -39.47 32.21 -6.13
CA VAL A 359 -39.82 33.31 -7.03
C VAL A 359 -41.18 33.90 -6.64
N ASN A 360 -42.08 33.05 -6.12
CA ASN A 360 -43.36 33.47 -5.55
C ASN A 360 -43.55 32.89 -4.16
N ASP A 361 -44.47 33.49 -3.40
CA ASP A 361 -44.91 32.92 -2.13
C ASP A 361 -45.33 31.48 -2.35
N LEU A 362 -45.07 30.62 -1.36
CA LEU A 362 -45.43 29.20 -1.47
C LEU A 362 -45.79 28.65 -0.11
N VAL A 363 -46.89 27.91 -0.06
CA VAL A 363 -47.30 27.24 1.17
C VAL A 363 -46.68 25.84 1.22
N LEU A 364 -46.04 25.52 2.34
CA LEU A 364 -45.56 24.15 2.63
C LEU A 364 -45.88 23.79 4.06
N ARG A 365 -46.52 22.64 4.25
CA ARG A 365 -46.89 22.15 5.59
C ARG A 365 -47.78 23.17 6.31
N ASP A 366 -48.66 23.83 5.54
CA ASP A 366 -49.54 24.90 6.02
C ASP A 366 -48.79 26.11 6.63
N TYR A 367 -47.54 26.31 6.19
CA TYR A 367 -46.81 27.51 6.53
C TYR A 367 -46.61 28.33 5.27
N MET A 368 -46.82 29.64 5.39
CA MET A 368 -46.60 30.56 4.27
C MET A 368 -45.12 30.88 4.17
N ILE A 369 -44.50 30.53 3.05
CA ILE A 369 -43.10 30.87 2.83
C ILE A 369 -42.99 31.95 1.76
N PRO A 370 -42.53 33.15 2.15
CA PRO A 370 -42.55 34.30 1.25
C PRO A 370 -41.55 34.21 0.09
N ALA A 371 -41.82 34.97 -0.97
CA ALA A 371 -40.94 35.05 -2.13
C ALA A 371 -39.54 35.51 -1.73
N LYS A 372 -38.54 34.94 -2.39
CA LYS A 372 -37.12 35.24 -2.15
C LYS A 372 -36.52 34.52 -0.93
N THR A 373 -37.32 33.69 -0.27
CA THR A 373 -36.83 32.84 0.81
C THR A 373 -35.96 31.72 0.21
N LEU A 374 -34.82 31.45 0.85
CA LEU A 374 -34.02 30.32 0.47
C LEU A 374 -34.64 29.05 1.06
N VAL A 375 -34.92 28.08 0.21
CA VAL A 375 -35.42 26.78 0.67
C VAL A 375 -34.39 25.70 0.35
N GLN A 376 -34.07 24.89 1.36
CA GLN A 376 -33.10 23.80 1.20
C GLN A 376 -33.75 22.43 1.43
N VAL A 377 -33.47 21.52 0.51
CA VAL A 377 -33.91 20.14 0.64
C VAL A 377 -32.75 19.36 1.23
N ALA A 378 -32.93 18.84 2.45
CA ALA A 378 -31.91 18.09 3.15
C ALA A 378 -31.77 16.68 2.57
N ILE A 379 -31.05 16.60 1.48
CA ILE A 379 -30.95 15.39 0.69
C ILE A 379 -30.22 14.25 1.42
N TYR A 380 -29.19 14.60 2.20
CA TYR A 380 -28.51 13.62 3.01
C TYR A 380 -29.46 13.02 4.05
N ALA A 381 -30.16 13.90 4.78
CA ALA A 381 -31.08 13.47 5.83
C ALA A 381 -32.20 12.63 5.27
N LEU A 382 -32.69 13.03 4.09
CA LEU A 382 -33.75 12.33 3.40
C LEU A 382 -33.35 10.89 3.08
N GLY A 383 -32.13 10.70 2.59
CA GLY A 383 -31.63 9.39 2.24
C GLY A 383 -31.49 8.43 3.40
N ARG A 384 -31.33 8.95 4.62
CA ARG A 384 -31.20 8.08 5.81
C ARG A 384 -32.51 7.92 6.57
N GLU A 385 -33.58 8.51 6.07
CA GLU A 385 -34.82 8.66 6.83
C GLU A 385 -35.75 7.44 6.62
N PRO A 386 -35.98 6.64 7.67
CA PRO A 386 -36.72 5.37 7.48
C PRO A 386 -38.19 5.50 7.08
N THR A 387 -38.76 6.71 7.14
CA THR A 387 -40.14 6.94 6.69
C THR A 387 -40.23 7.25 5.21
N PHE A 388 -39.09 7.53 4.58
CA PHE A 388 -39.11 7.80 3.14
C PHE A 388 -38.43 6.69 2.34
N PHE A 389 -37.65 5.88 3.03
CA PHE A 389 -37.01 4.71 2.42
C PHE A 389 -37.07 3.53 3.38
N PHE A 390 -37.51 2.39 2.88
CA PHE A 390 -37.51 1.14 3.64
C PHE A 390 -36.08 0.70 3.95
N ASP A 391 -35.80 0.48 5.23
CA ASP A 391 -34.48 0.02 5.68
C ASP A 391 -33.32 0.85 5.09
N PRO A 392 -33.34 2.19 5.34
CA PRO A 392 -32.45 3.12 4.62
C PRO A 392 -30.94 2.81 4.73
N GLU A 393 -30.50 2.16 5.79
CA GLU A 393 -29.09 1.83 5.93
C GLU A 393 -28.62 0.69 5.01
N ASN A 394 -29.56 -0.04 4.44
CA ASN A 394 -29.26 -1.16 3.56
C ASN A 394 -29.07 -0.70 2.11
N PHE A 395 -28.02 -1.18 1.46
CA PHE A 395 -27.75 -0.85 0.07
C PHE A 395 -28.58 -1.78 -0.82
N ASP A 396 -29.68 -1.24 -1.38
CA ASP A 396 -30.59 -2.04 -2.21
C ASP A 396 -30.97 -1.35 -3.53
N PRO A 397 -30.24 -1.65 -4.61
CA PRO A 397 -30.52 -1.07 -5.92
C PRO A 397 -31.91 -1.40 -6.46
N THR A 398 -32.45 -2.60 -6.15
CA THR A 398 -33.77 -3.00 -6.67
C THR A 398 -34.89 -2.03 -6.26
N ARG A 399 -34.66 -1.34 -5.14
CA ARG A 399 -35.48 -0.23 -4.67
C ARG A 399 -35.91 0.71 -5.81
N TRP A 400 -35.01 1.01 -6.74
CA TRP A 400 -35.29 1.96 -7.83
C TRP A 400 -36.04 1.34 -9.01
N LEU A 401 -36.23 0.02 -8.96
CA LEU A 401 -36.91 -0.72 -10.01
C LEU A 401 -38.39 -0.98 -9.73
N SER A 402 -38.84 -0.69 -8.51
CA SER A 402 -40.24 -0.86 -8.14
C SER A 402 -41.19 -0.23 -9.14
N LYS A 403 -42.24 -0.99 -9.46
CA LYS A 403 -43.38 -0.50 -10.25
C LYS A 403 -44.27 0.39 -9.39
N ASP A 404 -44.11 0.28 -8.07
CA ASP A 404 -44.77 1.15 -7.09
C ASP A 404 -44.13 2.54 -7.17
N LYS A 405 -44.66 3.39 -8.04
CA LYS A 405 -44.09 4.71 -8.33
C LYS A 405 -44.07 5.65 -7.12
N ASN A 406 -44.74 5.24 -6.06
CA ASN A 406 -44.74 5.95 -4.78
C ASN A 406 -43.39 5.83 -4.07
N ILE A 407 -42.73 4.69 -4.25
CA ILE A 407 -41.46 4.39 -3.60
C ILE A 407 -40.29 5.27 -4.08
N THR A 408 -40.40 5.81 -5.30
CA THR A 408 -39.31 6.59 -5.89
C THR A 408 -39.69 8.04 -6.20
N TYR A 409 -40.89 8.46 -5.79
CA TYR A 409 -41.39 9.81 -6.07
C TYR A 409 -40.45 10.87 -5.46
N PHE A 410 -39.91 11.72 -6.32
CA PHE A 410 -38.92 12.74 -5.94
C PHE A 410 -37.86 12.26 -4.94
N ARG A 411 -37.30 11.08 -5.19
CA ARG A 411 -36.25 10.51 -4.35
C ARG A 411 -34.89 10.54 -5.02
N ASN A 412 -34.87 10.62 -6.36
CA ASN A 412 -33.63 10.56 -7.14
C ASN A 412 -33.05 11.96 -7.32
N LEU A 413 -32.42 12.50 -6.28
CA LEU A 413 -32.08 13.91 -6.24
C LEU A 413 -30.58 14.23 -6.22
N GLY A 414 -29.75 13.20 -6.35
CA GLY A 414 -28.30 13.32 -6.26
C GLY A 414 -27.62 14.22 -7.28
N PHE A 415 -28.29 14.45 -8.41
CA PHE A 415 -27.82 15.36 -9.44
C PHE A 415 -28.70 16.62 -9.52
N GLY A 416 -29.59 16.78 -8.54
CA GLY A 416 -30.56 17.86 -8.54
C GLY A 416 -31.77 17.62 -9.44
N TRP A 417 -32.44 18.70 -9.83
CA TRP A 417 -33.69 18.61 -10.56
C TRP A 417 -33.82 19.76 -11.56
N GLY A 418 -34.50 19.51 -12.67
CA GLY A 418 -34.94 20.58 -13.58
C GLY A 418 -33.84 21.20 -14.41
N VAL A 419 -34.07 22.43 -14.88
CA VAL A 419 -33.17 23.11 -15.84
C VAL A 419 -31.78 23.42 -15.30
N ARG A 420 -31.67 23.61 -13.97
CA ARG A 420 -30.39 23.93 -13.36
C ARG A 420 -29.82 22.75 -12.55
N GLN A 421 -30.23 21.55 -12.93
CA GLN A 421 -29.65 20.33 -12.38
C GLN A 421 -28.17 20.26 -12.79
N CYS A 422 -27.43 19.31 -12.22
CA CYS A 422 -26.04 19.11 -12.56
C CYS A 422 -25.81 19.20 -14.07
N LEU A 423 -24.92 20.09 -14.50
CA LEU A 423 -24.57 20.20 -15.91
C LEU A 423 -23.81 18.97 -16.38
N GLY A 424 -23.01 18.39 -15.47
CA GLY A 424 -22.19 17.23 -15.78
C GLY A 424 -22.88 15.88 -15.61
N ARG A 425 -24.19 15.88 -15.42
CA ARG A 425 -24.91 14.65 -15.09
C ARG A 425 -24.68 13.50 -16.08
N ARG A 426 -24.77 13.80 -17.38
CA ARG A 426 -24.61 12.75 -18.40
C ARG A 426 -23.17 12.26 -18.46
N ILE A 427 -22.22 13.18 -18.38
CA ILE A 427 -20.83 12.81 -18.30
C ILE A 427 -20.59 11.92 -17.08
N ALA A 428 -21.19 12.30 -15.96
CA ALA A 428 -20.95 11.62 -14.69
C ALA A 428 -21.54 10.20 -14.73
N GLU A 429 -22.79 10.09 -15.18
CA GLU A 429 -23.50 8.80 -15.28
C GLU A 429 -22.76 7.85 -16.21
N LEU A 430 -22.43 8.34 -17.40
CA LEU A 430 -21.67 7.56 -18.37
C LEU A 430 -20.30 7.13 -17.82
N GLU A 431 -19.56 8.07 -17.23
CA GLU A 431 -18.25 7.77 -16.66
C GLU A 431 -18.34 6.71 -15.57
N MET A 432 -19.33 6.82 -14.68
CA MET A 432 -19.43 5.87 -13.57
C MET A 432 -19.94 4.50 -14.02
N THR A 433 -20.92 4.48 -14.93
CA THR A 433 -21.47 3.23 -15.44
C THR A 433 -20.41 2.44 -16.20
N ILE A 434 -19.68 3.11 -17.09
CA ILE A 434 -18.62 2.46 -17.85
C ILE A 434 -17.49 1.99 -16.93
N PHE A 435 -17.12 2.82 -15.96
CA PHE A 435 -16.09 2.45 -15.00
C PHE A 435 -16.45 1.17 -14.26
N LEU A 436 -17.70 1.09 -13.83
CA LEU A 436 -18.17 -0.03 -13.03
C LEU A 436 -18.32 -1.32 -13.86
N ILE A 437 -18.75 -1.18 -15.11
CA ILE A 437 -18.76 -2.30 -16.06
C ILE A 437 -17.35 -2.91 -16.17
N ASN A 438 -16.35 -2.06 -16.41
CA ASN A 438 -14.96 -2.53 -16.54
C ASN A 438 -14.42 -3.16 -15.26
N MET A 439 -14.70 -2.53 -14.11
CA MET A 439 -14.29 -3.06 -12.79
C MET A 439 -14.97 -4.39 -12.47
N LEU A 440 -16.28 -4.46 -12.67
CA LEU A 440 -17.05 -5.67 -12.36
C LEU A 440 -16.60 -6.86 -13.20
N GLU A 441 -16.25 -6.59 -14.46
CA GLU A 441 -15.74 -7.64 -15.36
C GLU A 441 -14.37 -8.16 -14.98
N ASN A 442 -13.61 -7.39 -14.20
CA ASN A 442 -12.20 -7.69 -13.97
C ASN A 442 -11.82 -8.04 -12.54
N PHE A 443 -12.58 -7.55 -11.56
CA PHE A 443 -12.19 -7.74 -10.17
C PHE A 443 -13.35 -8.06 -9.24
N ARG A 444 -13.03 -8.81 -8.20
CA ARG A 444 -13.86 -8.92 -7.01
C ARG A 444 -13.32 -7.91 -6.01
N VAL A 445 -14.23 -7.14 -5.39
CA VAL A 445 -13.85 -6.09 -4.44
C VAL A 445 -14.25 -6.43 -3.02
N GLU A 446 -13.28 -6.35 -2.11
CA GLU A 446 -13.52 -6.61 -0.68
C GLU A 446 -12.85 -5.54 0.18
N ILE A 447 -13.24 -5.47 1.45
CA ILE A 447 -12.53 -4.67 2.45
C ILE A 447 -12.16 -5.53 3.66
N GLN A 448 -10.85 -5.63 3.94
CA GLN A 448 -10.34 -6.35 5.12
C GLN A 448 -10.65 -5.55 6.38
N HIS A 449 -11.05 -6.26 7.44
CA HIS A 449 -11.43 -5.62 8.71
C HIS A 449 -12.42 -4.49 8.44
N LEU A 450 -13.43 -4.81 7.64
CA LEU A 450 -14.53 -3.91 7.33
C LEU A 450 -15.15 -3.29 8.59
N SER A 451 -15.32 -1.97 8.55
CA SER A 451 -16.02 -1.21 9.59
C SER A 451 -16.85 -0.14 8.92
N ASP A 452 -17.88 0.33 9.61
CA ASP A 452 -18.73 1.41 9.11
C ASP A 452 -17.94 2.69 8.92
N VAL A 453 -17.97 3.21 7.70
CA VAL A 453 -17.30 4.47 7.38
C VAL A 453 -18.34 5.59 7.35
N GLY A 454 -18.15 6.57 8.23
CA GLY A 454 -19.02 7.73 8.27
C GLY A 454 -18.62 8.78 7.24
N THR A 455 -19.29 9.91 7.31
CA THR A 455 -19.18 10.98 6.31
C THR A 455 -18.67 12.27 6.96
N THR A 456 -17.82 13.02 6.24
CA THR A 456 -17.38 14.35 6.66
C THR A 456 -17.76 15.39 5.60
N PHE A 457 -18.13 16.57 6.06
CA PHE A 457 -18.44 17.68 5.19
C PHE A 457 -17.19 18.51 4.94
N ASN A 458 -16.66 18.42 3.71
CA ASN A 458 -15.57 19.27 3.24
C ASN A 458 -16.04 20.07 2.04
N LEU A 459 -17.14 20.79 2.25
CA LEU A 459 -17.93 21.44 1.20
C LEU A 459 -18.71 20.43 0.35
N ILE A 460 -18.00 19.51 -0.29
CA ILE A 460 -18.61 18.29 -0.79
C ILE A 460 -18.55 17.27 0.35
N LEU A 461 -19.50 16.34 0.38
CA LEU A 461 -19.47 15.26 1.36
C LEU A 461 -18.48 14.20 0.93
N MET A 462 -17.82 13.59 1.91
CA MET A 462 -16.73 12.65 1.66
C MET A 462 -16.65 11.64 2.80
N PRO A 463 -16.01 10.48 2.56
CA PRO A 463 -15.76 9.53 3.64
C PRO A 463 -14.96 10.20 4.74
N GLU A 464 -15.31 9.90 5.98
CA GLU A 464 -14.62 10.44 7.15
C GLU A 464 -13.18 9.94 7.32
N LYS A 465 -12.87 8.78 6.76
CA LYS A 465 -11.56 8.16 6.93
C LYS A 465 -11.21 7.32 5.69
N PRO A 466 -9.92 6.96 5.52
CA PRO A 466 -9.55 6.22 4.31
C PRO A 466 -10.21 4.86 4.22
N ILE A 467 -10.43 4.40 2.98
CA ILE A 467 -10.94 3.08 2.72
C ILE A 467 -9.88 2.31 1.95
N SER A 468 -9.42 1.21 2.53
CA SER A 468 -8.43 0.36 1.88
C SER A 468 -9.10 -0.89 1.31
N PHE A 469 -9.13 -0.98 -0.03
CA PHE A 469 -9.78 -2.07 -0.72
C PHE A 469 -8.81 -3.22 -1.00
N THR A 470 -9.38 -4.40 -1.23
CA THR A 470 -8.61 -5.53 -1.73
C THR A 470 -9.26 -5.97 -3.03
N PHE A 471 -8.46 -6.05 -4.08
CA PHE A 471 -8.96 -6.46 -5.40
C PHE A 471 -8.43 -7.83 -5.78
N TRP A 472 -9.33 -8.74 -6.14
CA TRP A 472 -8.95 -10.06 -6.66
C TRP A 472 -9.31 -10.14 -8.15
N PRO A 473 -8.35 -10.58 -8.99
CA PRO A 473 -8.65 -10.77 -10.41
C PRO A 473 -9.77 -11.79 -10.57
N PHE A 474 -10.81 -11.43 -11.33
CA PHE A 474 -11.98 -12.29 -11.52
C PHE A 474 -11.82 -13.15 -12.76
N ASN A 475 -12.16 -14.42 -12.64
CA ASN A 475 -11.96 -15.40 -13.72
C ASN A 475 -13.28 -15.86 -14.37
N PRO B 5 34.02 -51.25 8.91
CA PRO B 5 33.43 -50.03 8.32
C PRO B 5 33.24 -50.22 6.81
N ARG B 6 32.01 -50.03 6.35
CA ARG B 6 31.69 -50.19 4.92
C ARG B 6 32.35 -49.10 4.06
N PRO B 7 32.65 -49.42 2.78
CA PRO B 7 33.30 -48.43 1.91
C PRO B 7 32.34 -47.33 1.45
N PHE B 8 32.92 -46.21 1.03
CA PHE B 8 32.21 -45.02 0.56
C PHE B 8 31.10 -45.34 -0.45
N ASN B 9 31.41 -46.18 -1.42
CA ASN B 9 30.46 -46.51 -2.49
C ASN B 9 29.21 -47.28 -2.03
N GLU B 10 29.19 -47.72 -0.78
CA GLU B 10 27.99 -48.39 -0.25
C GLU B 10 26.96 -47.44 0.37
N ILE B 11 27.38 -46.19 0.60
CA ILE B 11 26.46 -45.16 1.04
C ILE B 11 25.35 -45.06 -0.01
N PRO B 12 24.09 -45.21 0.41
CA PRO B 12 22.96 -45.10 -0.52
C PRO B 12 23.06 -43.85 -1.39
N SER B 13 22.65 -43.98 -2.65
CA SER B 13 22.82 -42.95 -3.65
C SER B 13 21.84 -43.15 -4.80
N PRO B 14 21.34 -42.06 -5.40
CA PRO B 14 20.56 -42.21 -6.66
C PRO B 14 21.39 -42.73 -7.83
N GLY B 15 22.71 -42.79 -7.70
CA GLY B 15 23.59 -43.22 -8.80
C GLY B 15 24.81 -42.36 -8.99
N ASP B 16 25.72 -42.79 -9.86
CA ASP B 16 27.03 -42.13 -10.02
C ASP B 16 27.12 -41.07 -11.12
N ASN B 17 26.06 -40.90 -11.90
CA ASN B 17 26.07 -39.93 -12.97
C ASN B 17 25.55 -38.58 -12.50
N GLY B 18 26.47 -37.65 -12.23
CA GLY B 18 26.11 -36.31 -11.76
C GLY B 18 25.11 -35.56 -12.63
N TRP B 19 25.20 -35.77 -13.95
CA TRP B 19 24.37 -35.05 -14.92
C TRP B 19 22.99 -35.64 -15.01
N LEU B 20 22.90 -36.97 -14.93
CA LEU B 20 21.61 -37.65 -14.86
C LEU B 20 20.88 -37.32 -13.57
N ASN B 21 21.63 -37.29 -12.46
CA ASN B 21 21.04 -36.92 -11.15
C ASN B 21 20.50 -35.49 -11.17
N LEU B 22 21.22 -34.61 -11.85
CA LEU B 22 20.82 -33.21 -11.96
C LEU B 22 19.55 -33.10 -12.80
N TYR B 23 19.50 -33.86 -13.88
CA TYR B 23 18.32 -33.91 -14.73
C TYR B 23 17.07 -34.37 -13.95
N HIS B 24 17.18 -35.45 -13.19
CA HIS B 24 16.04 -35.93 -12.40
C HIS B 24 15.63 -34.94 -11.30
N PHE B 25 16.62 -34.32 -10.65
CA PHE B 25 16.37 -33.26 -9.66
C PHE B 25 15.60 -32.09 -10.29
N TRP B 26 16.07 -31.58 -11.42
CA TRP B 26 15.39 -30.46 -12.10
C TRP B 26 13.97 -30.83 -12.54
N ARG B 27 13.82 -31.99 -13.16
CA ARG B 27 12.53 -32.45 -13.69
C ARG B 27 11.52 -32.75 -12.57
N GLU B 28 11.97 -33.43 -11.52
CA GLU B 28 11.07 -33.94 -10.47
C GLU B 28 10.74 -32.93 -9.39
N THR B 29 11.73 -32.16 -8.96
CA THR B 29 11.59 -31.29 -7.80
C THR B 29 11.72 -29.82 -8.16
N GLY B 30 12.77 -29.48 -8.89
CA GLY B 30 12.98 -28.12 -9.34
C GLY B 30 14.07 -27.42 -8.55
N THR B 31 14.76 -26.52 -9.24
CA THR B 31 15.89 -25.76 -8.70
C THR B 31 15.50 -24.99 -7.42
N HIS B 32 14.25 -24.57 -7.32
CA HIS B 32 13.79 -23.74 -6.21
C HIS B 32 13.22 -24.51 -5.02
N LYS B 33 13.34 -25.84 -5.06
CA LYS B 33 12.80 -26.70 -4.02
C LYS B 33 13.87 -27.66 -3.50
N VAL B 34 15.11 -27.17 -3.46
CA VAL B 34 16.25 -27.92 -2.93
C VAL B 34 15.96 -28.51 -1.55
N HIS B 35 15.34 -27.72 -0.68
CA HIS B 35 15.02 -28.15 0.67
C HIS B 35 14.11 -29.38 0.69
N LEU B 36 13.10 -29.39 -0.18
CA LEU B 36 12.16 -30.51 -0.27
C LEU B 36 12.86 -31.75 -0.84
N HIS B 37 13.82 -31.52 -1.71
CA HIS B 37 14.62 -32.59 -2.29
C HIS B 37 15.38 -33.34 -1.18
N HIS B 38 16.00 -32.60 -0.27
CA HIS B 38 16.68 -33.22 0.87
C HIS B 38 15.73 -34.06 1.72
N VAL B 39 14.58 -33.50 2.07
CA VAL B 39 13.56 -34.19 2.86
C VAL B 39 13.18 -35.51 2.19
N GLN B 40 12.86 -35.44 0.90
CA GLN B 40 12.48 -36.60 0.11
C GLN B 40 13.59 -37.64 0.04
N ASN B 41 14.84 -37.18 -0.06
CA ASN B 41 15.99 -38.08 -0.16
C ASN B 41 16.20 -38.86 1.14
N PHE B 42 16.03 -38.20 2.29
CA PHE B 42 16.13 -38.91 3.57
C PHE B 42 15.01 -39.95 3.77
N GLN B 43 13.80 -39.63 3.32
CA GLN B 43 12.69 -40.60 3.34
C GLN B 43 13.07 -41.82 2.50
N LYS B 44 13.76 -41.55 1.39
CA LYS B 44 14.13 -42.56 0.40
C LYS B 44 15.30 -43.43 0.83
N TYR B 45 16.36 -42.81 1.35
CA TYR B 45 17.63 -43.52 1.57
C TYR B 45 17.96 -43.85 3.04
N GLY B 46 17.23 -43.24 3.97
CA GLY B 46 17.60 -43.29 5.37
C GLY B 46 18.44 -42.09 5.78
N PRO B 47 19.08 -42.16 6.96
CA PRO B 47 19.70 -40.99 7.62
C PRO B 47 21.02 -40.49 7.01
N ILE B 48 21.56 -41.22 6.05
CA ILE B 48 22.76 -40.78 5.34
C ILE B 48 22.69 -41.21 3.88
N TYR B 49 23.02 -40.29 2.98
CA TYR B 49 23.14 -40.62 1.58
C TYR B 49 24.22 -39.78 0.92
N ARG B 50 24.60 -40.16 -0.30
CA ARG B 50 25.51 -39.35 -1.11
C ARG B 50 24.84 -39.05 -2.44
N GLU B 51 25.07 -37.85 -2.95
CA GLU B 51 24.51 -37.48 -4.24
C GLU B 51 25.46 -36.55 -4.98
N LYS B 52 25.86 -36.98 -6.18
CA LYS B 52 26.62 -36.13 -7.09
C LYS B 52 25.63 -35.33 -7.94
N LEU B 53 25.78 -34.00 -7.90
CA LEU B 53 25.01 -33.09 -8.76
C LEU B 53 25.96 -32.30 -9.65
N GLY B 54 25.89 -32.56 -10.95
CA GLY B 54 26.84 -32.01 -11.91
C GLY B 54 28.21 -32.60 -11.64
N ASN B 55 29.16 -31.76 -11.24
CA ASN B 55 30.52 -32.21 -10.93
C ASN B 55 30.80 -32.42 -9.43
N VAL B 56 29.90 -31.94 -8.57
CA VAL B 56 30.11 -31.99 -7.12
C VAL B 56 29.30 -33.09 -6.40
N GLU B 57 30.03 -33.98 -5.73
CA GLU B 57 29.44 -35.01 -4.89
C GLU B 57 29.51 -34.59 -3.44
N SER B 58 28.42 -34.83 -2.72
CA SER B 58 28.41 -34.59 -1.29
C SER B 58 27.82 -35.78 -0.58
N VAL B 59 28.24 -35.96 0.67
CA VAL B 59 27.55 -36.85 1.60
C VAL B 59 26.59 -35.99 2.41
N TYR B 60 25.33 -36.41 2.50
CA TYR B 60 24.34 -35.67 3.26
C TYR B 60 23.99 -36.41 4.54
N VAL B 61 23.83 -35.61 5.59
CA VAL B 61 23.69 -36.08 6.97
C VAL B 61 22.58 -35.27 7.63
N ILE B 62 21.84 -35.92 8.53
CA ILE B 62 20.67 -35.30 9.18
C ILE B 62 20.66 -35.46 10.71
N ASP B 63 21.22 -36.58 11.19
CA ASP B 63 21.22 -36.90 12.63
C ASP B 63 22.19 -36.02 13.41
N PRO B 64 21.67 -35.33 14.44
CA PRO B 64 22.53 -34.51 15.31
C PRO B 64 23.77 -35.25 15.84
N GLU B 65 23.66 -36.57 16.02
CA GLU B 65 24.77 -37.38 16.51
C GLU B 65 25.92 -37.45 15.48
N ASP B 66 25.57 -37.55 14.20
CA ASP B 66 26.54 -37.46 13.11
C ASP B 66 27.08 -36.05 12.93
N VAL B 67 26.21 -35.06 13.12
CA VAL B 67 26.64 -33.66 13.08
C VAL B 67 27.74 -33.43 14.12
N ALA B 68 27.53 -33.95 15.33
CA ALA B 68 28.51 -33.83 16.42
C ALA B 68 29.89 -34.37 16.04
N LEU B 69 29.90 -35.56 15.43
CA LEU B 69 31.12 -36.18 14.96
C LEU B 69 31.76 -35.37 13.83
N LEU B 70 30.93 -34.80 12.95
CA LEU B 70 31.46 -33.96 11.87
C LEU B 70 32.21 -32.75 12.42
N PHE B 71 31.58 -32.03 13.34
CA PHE B 71 32.19 -30.83 13.87
C PHE B 71 33.30 -31.10 14.91
N LYS B 72 33.26 -32.28 15.53
CA LYS B 72 34.32 -32.72 16.45
C LYS B 72 35.65 -32.90 15.73
N SER B 73 35.59 -33.39 14.49
CA SER B 73 36.79 -33.70 13.71
C SER B 73 37.17 -32.55 12.79
N GLU B 74 36.81 -31.33 13.17
CA GLU B 74 37.08 -30.16 12.37
C GLU B 74 38.50 -29.65 12.62
N GLY B 75 39.19 -29.32 11.53
CA GLY B 75 40.52 -28.72 11.60
C GLY B 75 40.49 -27.26 12.06
N PRO B 76 41.68 -26.65 12.20
CA PRO B 76 41.74 -25.25 12.65
C PRO B 76 41.22 -24.23 11.62
N ASN B 77 41.29 -24.57 10.33
CA ASN B 77 40.85 -23.67 9.26
C ASN B 77 39.80 -24.34 8.36
N PRO B 78 38.54 -24.41 8.84
CA PRO B 78 37.47 -25.13 8.16
C PRO B 78 37.13 -24.53 6.81
N GLU B 79 36.65 -25.36 5.89
CA GLU B 79 36.19 -24.92 4.58
C GLU B 79 34.79 -25.44 4.34
N ARG B 80 33.89 -24.55 3.93
CA ARG B 80 32.54 -24.91 3.53
C ARG B 80 32.47 -24.90 2.00
N PHE B 81 31.29 -25.16 1.45
CA PHE B 81 31.14 -25.13 0.00
C PHE B 81 31.16 -23.70 -0.52
N LEU B 82 32.03 -23.44 -1.50
CA LEU B 82 32.09 -22.15 -2.16
C LEU B 82 31.13 -22.14 -3.34
N ILE B 83 30.40 -21.03 -3.47
CA ILE B 83 29.42 -20.88 -4.55
C ILE B 83 30.16 -20.52 -5.84
N PRO B 84 30.14 -21.42 -6.85
CA PRO B 84 30.98 -21.22 -8.05
C PRO B 84 30.76 -19.91 -8.82
N PRO B 85 29.49 -19.50 -9.07
CA PRO B 85 29.39 -18.20 -9.72
C PRO B 85 30.03 -17.05 -8.93
N TRP B 86 29.95 -17.09 -7.59
CA TRP B 86 30.58 -16.05 -6.74
C TRP B 86 32.08 -16.03 -6.94
N VAL B 87 32.69 -17.20 -6.85
CA VAL B 87 34.13 -17.36 -7.04
C VAL B 87 34.54 -16.84 -8.43
N ALA B 88 33.83 -17.31 -9.47
CA ALA B 88 34.17 -16.92 -10.86
C ALA B 88 34.12 -15.42 -11.07
N TYR B 89 33.13 -14.77 -10.47
CA TYR B 89 32.98 -13.33 -10.62
C TYR B 89 34.17 -12.59 -10.00
N HIS B 90 34.57 -13.00 -8.81
CA HIS B 90 35.69 -12.38 -8.11
C HIS B 90 37.01 -12.61 -8.86
N GLN B 91 37.20 -13.83 -9.37
CA GLN B 91 38.42 -14.18 -10.10
C GLN B 91 38.50 -13.47 -11.45
N TYR B 92 37.45 -13.57 -12.25
CA TYR B 92 37.45 -12.96 -13.58
C TYR B 92 37.54 -11.43 -13.55
N TYR B 93 36.83 -10.80 -12.61
CA TYR B 93 36.82 -9.34 -12.53
C TYR B 93 37.79 -8.82 -11.47
N GLN B 94 38.65 -9.72 -10.98
CA GLN B 94 39.73 -9.39 -10.05
C GLN B 94 39.29 -8.53 -8.87
N ARG B 95 38.17 -8.93 -8.28
CA ARG B 95 37.61 -8.23 -7.15
C ARG B 95 38.19 -8.78 -5.86
N PRO B 96 38.68 -7.90 -4.97
CA PRO B 96 39.32 -8.36 -3.73
C PRO B 96 38.35 -9.12 -2.84
N ILE B 97 38.82 -10.24 -2.30
CA ILE B 97 37.97 -11.17 -1.57
C ILE B 97 38.11 -10.97 -0.08
N GLY B 98 37.02 -11.21 0.63
CA GLY B 98 37.02 -11.17 2.07
C GLY B 98 37.00 -12.55 2.67
N VAL B 99 36.72 -12.60 3.95
CA VAL B 99 36.76 -13.81 4.75
C VAL B 99 35.91 -14.97 4.15
N LEU B 100 34.78 -14.63 3.52
CA LEU B 100 33.91 -15.65 2.91
C LEU B 100 34.61 -16.53 1.89
N LEU B 101 35.46 -15.91 1.06
CA LEU B 101 36.08 -16.62 -0.08
C LEU B 101 37.53 -17.04 0.14
N LYS B 102 38.09 -16.68 1.30
CA LYS B 102 39.44 -17.06 1.67
C LYS B 102 39.47 -18.45 2.29
N LYS B 103 40.69 -18.97 2.44
CA LYS B 103 40.91 -20.25 3.13
C LYS B 103 42.22 -20.22 3.92
N SER B 104 42.42 -21.28 4.71
CA SER B 104 43.59 -21.44 5.58
C SER B 104 44.06 -20.15 6.27
N ALA B 105 45.38 -19.94 6.29
CA ALA B 105 46.00 -18.87 7.07
C ALA B 105 45.47 -17.48 6.73
N ALA B 106 45.28 -17.22 5.43
CA ALA B 106 44.73 -15.95 4.98
C ALA B 106 43.30 -15.73 5.54
N TRP B 107 42.53 -16.81 5.66
CA TRP B 107 41.19 -16.73 6.24
C TRP B 107 41.29 -16.43 7.74
N LYS B 108 42.15 -17.18 8.42
CA LYS B 108 42.35 -17.07 9.86
C LYS B 108 42.70 -15.63 10.29
N LYS B 109 43.55 -14.98 9.50
CA LYS B 109 44.07 -13.64 9.81
C LYS B 109 42.98 -12.57 9.72
N ASP B 110 42.16 -12.63 8.68
CA ASP B 110 40.97 -11.79 8.60
C ASP B 110 40.00 -12.11 9.72
N ARG B 111 39.72 -13.41 9.93
CA ARG B 111 38.69 -13.80 10.89
C ARG B 111 39.01 -13.32 12.30
N VAL B 112 40.25 -13.54 12.71
CA VAL B 112 40.72 -13.14 14.04
C VAL B 112 40.62 -11.64 14.23
N ALA B 113 41.06 -10.86 13.25
CA ALA B 113 40.95 -9.39 13.33
C ALA B 113 39.50 -8.90 13.33
N LEU B 114 38.65 -9.56 12.55
CA LEU B 114 37.24 -9.21 12.49
C LEU B 114 36.48 -9.61 13.75
N ASN B 115 36.78 -10.81 14.27
CA ASN B 115 36.18 -11.28 15.52
C ASN B 115 36.30 -10.28 16.66
N GLN B 116 37.46 -9.63 16.76
CA GLN B 116 37.71 -8.68 17.84
C GLN B 116 36.79 -7.47 17.77
N GLU B 117 36.31 -7.14 16.59
CA GLU B 117 35.46 -5.96 16.42
C GLU B 117 33.97 -6.26 16.24
N VAL B 118 33.61 -7.51 15.98
CA VAL B 118 32.21 -7.87 15.67
C VAL B 118 31.64 -9.06 16.47
N MET B 119 32.51 -9.89 17.05
CA MET B 119 32.05 -11.03 17.83
C MET B 119 32.29 -10.83 19.33
N ALA B 120 33.41 -10.19 19.66
CA ALA B 120 33.86 -10.01 21.06
C ALA B 120 32.90 -9.14 21.89
N PRO B 121 32.56 -9.59 23.11
CA PRO B 121 31.61 -8.89 23.98
C PRO B 121 32.00 -7.45 24.25
N GLU B 122 33.30 -7.21 24.42
CA GLU B 122 33.83 -5.87 24.68
C GLU B 122 33.50 -4.92 23.56
N ALA B 123 33.42 -5.47 22.33
CA ALA B 123 33.03 -4.67 21.17
C ALA B 123 31.50 -4.61 20.98
N THR B 124 30.83 -5.75 21.08
CA THR B 124 29.41 -5.82 20.73
C THR B 124 28.49 -5.04 21.68
N LYS B 125 28.91 -4.88 22.93
CA LYS B 125 28.16 -4.06 23.88
C LYS B 125 27.90 -2.65 23.32
N ASN B 126 28.80 -2.16 22.49
CA ASN B 126 28.63 -0.85 21.84
C ASN B 126 27.57 -0.84 20.73
N PHE B 127 27.13 -2.02 20.29
CA PHE B 127 26.13 -2.09 19.22
C PHE B 127 24.74 -1.69 19.69
N LEU B 128 24.46 -1.89 20.99
CA LEU B 128 23.09 -1.76 21.52
C LEU B 128 22.39 -0.44 21.19
N PRO B 129 22.98 0.72 21.51
CA PRO B 129 22.27 1.97 21.20
C PRO B 129 22.12 2.23 19.70
N LEU B 130 23.07 1.74 18.91
CA LEU B 130 23.04 1.92 17.45
C LEU B 130 21.91 1.11 16.83
N LEU B 131 21.72 -0.11 17.32
CA LEU B 131 20.67 -1.00 16.81
C LEU B 131 19.31 -0.59 17.35
N ASP B 132 19.26 -0.22 18.64
CA ASP B 132 18.04 0.22 19.27
C ASP B 132 17.47 1.47 18.62
N ALA B 133 18.32 2.43 18.27
CA ALA B 133 17.89 3.62 17.53
C ALA B 133 17.17 3.26 16.22
N VAL B 134 17.65 2.25 15.52
CA VAL B 134 17.06 1.89 14.23
C VAL B 134 15.69 1.22 14.46
N SER B 135 15.65 0.30 15.43
CA SER B 135 14.41 -0.38 15.81
C SER B 135 13.34 0.58 16.32
N ARG B 136 13.74 1.59 17.08
CA ARG B 136 12.80 2.61 17.55
C ARG B 136 12.19 3.34 16.37
N ASP B 137 13.02 3.67 15.38
CA ASP B 137 12.53 4.31 14.16
C ASP B 137 11.59 3.40 13.36
N PHE B 138 11.90 2.11 13.30
CA PHE B 138 11.00 1.17 12.61
C PHE B 138 9.61 1.18 13.22
N VAL B 139 9.54 1.15 14.56
CA VAL B 139 8.29 1.26 15.30
C VAL B 139 7.53 2.53 14.93
N SER B 140 8.25 3.66 14.89
CA SER B 140 7.67 4.96 14.51
C SER B 140 7.03 4.96 13.13
N VAL B 141 7.70 4.33 12.17
CA VAL B 141 7.16 4.16 10.82
C VAL B 141 5.80 3.46 10.87
N LEU B 142 5.74 2.34 11.57
CA LEU B 142 4.50 1.59 11.67
C LEU B 142 3.39 2.40 12.34
N HIS B 143 3.71 3.10 13.42
CA HIS B 143 2.74 3.97 14.12
C HIS B 143 2.16 5.02 13.21
N ARG B 144 3.02 5.58 12.34
CA ARG B 144 2.59 6.58 11.36
C ARG B 144 1.64 5.96 10.34
N ARG B 145 2.03 4.82 9.79
CA ARG B 145 1.18 4.08 8.84
C ARG B 145 -0.19 3.71 9.42
N ILE B 146 -0.22 3.34 10.71
CA ILE B 146 -1.47 3.08 11.42
C ILE B 146 -2.36 4.33 11.47
N LYS B 147 -1.76 5.45 11.87
CA LYS B 147 -2.47 6.73 11.97
C LYS B 147 -3.01 7.18 10.61
N LYS B 148 -2.22 6.99 9.56
CA LYS B 148 -2.60 7.35 8.19
C LYS B 148 -3.73 6.48 7.64
N ALA B 149 -3.66 5.18 7.93
CA ALA B 149 -4.68 4.21 7.51
C ALA B 149 -6.04 4.51 8.14
N GLY B 150 -6.02 5.13 9.32
CA GLY B 150 -7.22 5.74 9.91
C GLY B 150 -8.19 4.88 10.72
N SER B 151 -8.05 3.55 10.66
CA SER B 151 -8.97 2.67 11.42
C SER B 151 -8.31 1.87 12.54
N GLY B 152 -7.21 2.39 13.11
CA GLY B 152 -6.59 1.73 14.26
C GLY B 152 -5.78 0.47 13.97
N ASN B 153 -5.42 0.27 12.70
CA ASN B 153 -4.56 -0.84 12.27
C ASN B 153 -3.84 -0.53 10.96
N TYR B 154 -2.81 -1.31 10.66
CA TYR B 154 -2.13 -1.26 9.37
C TYR B 154 -1.91 -2.68 8.86
N SER B 155 -2.29 -2.92 7.61
CA SER B 155 -2.09 -4.20 6.95
C SER B 155 -1.20 -4.01 5.74
N GLY B 156 -0.28 -4.94 5.54
CA GLY B 156 0.63 -4.86 4.41
C GLY B 156 1.77 -5.86 4.47
N ASP B 157 2.35 -6.08 3.29
CA ASP B 157 3.59 -6.83 3.14
C ASP B 157 4.73 -5.84 3.46
N ILE B 158 5.47 -6.10 4.54
CA ILE B 158 6.53 -5.21 5.01
C ILE B 158 7.94 -5.71 4.70
N SER B 159 8.05 -6.67 3.78
CA SER B 159 9.34 -7.26 3.42
C SER B 159 10.33 -6.19 2.96
N ASP B 160 9.87 -5.26 2.11
CA ASP B 160 10.73 -4.16 1.64
C ASP B 160 11.22 -3.28 2.78
N ASP B 161 10.33 -2.99 3.74
CA ASP B 161 10.71 -2.23 4.92
C ASP B 161 11.68 -3.00 5.81
N LEU B 162 11.54 -4.32 5.86
CA LEU B 162 12.44 -5.16 6.64
C LEU B 162 13.85 -5.17 6.05
N PHE B 163 13.93 -5.24 4.72
CA PHE B 163 15.20 -5.11 3.99
C PHE B 163 15.87 -3.76 4.29
N ARG B 164 15.08 -2.68 4.23
CA ARG B 164 15.58 -1.34 4.58
C ARG B 164 16.02 -1.32 6.04
N PHE B 165 15.20 -1.92 6.91
CA PHE B 165 15.57 -2.03 8.33
C PHE B 165 16.91 -2.74 8.52
N ALA B 166 17.08 -3.90 7.88
CA ALA B 166 18.32 -4.65 7.99
C ALA B 166 19.53 -3.86 7.48
N PHE B 167 19.35 -3.13 6.39
CA PHE B 167 20.43 -2.32 5.81
C PHE B 167 20.80 -1.16 6.73
N GLU B 168 19.78 -0.45 7.23
CA GLU B 168 19.98 0.64 8.17
C GLU B 168 20.74 0.18 9.42
N SER B 169 20.42 -1.03 9.90
CA SER B 169 21.07 -1.61 11.08
C SER B 169 22.56 -1.95 10.84
N ILE B 170 22.85 -2.68 9.77
CA ILE B 170 24.22 -3.11 9.52
C ILE B 170 25.13 -1.90 9.21
N THR B 171 24.62 -0.94 8.44
CA THR B 171 25.38 0.26 8.11
C THR B 171 25.59 1.14 9.34
N ASN B 172 24.58 1.20 10.21
CA ASN B 172 24.72 2.02 11.41
C ASN B 172 25.83 1.49 12.31
N VAL B 173 25.89 0.18 12.40
CA VAL B 173 26.87 -0.47 13.25
C VAL B 173 28.27 -0.45 12.62
N ILE B 174 28.32 -0.48 11.29
CA ILE B 174 29.60 -0.44 10.57
C ILE B 174 30.16 0.98 10.45
N PHE B 175 29.32 1.93 10.04
CA PHE B 175 29.73 3.30 9.79
C PHE B 175 29.47 4.28 10.95
N GLY B 176 28.61 3.90 11.89
CA GLY B 176 28.19 4.81 12.97
C GLY B 176 27.39 5.98 12.45
N GLU B 177 26.76 5.81 11.28
CA GLU B 177 26.02 6.87 10.63
C GLU B 177 24.72 6.29 10.10
N ARG B 178 23.64 7.04 10.29
CA ARG B 178 22.32 6.70 9.79
C ARG B 178 22.23 6.99 8.31
N GLN B 179 21.81 6.00 7.53
CA GLN B 179 21.69 6.15 6.09
C GLN B 179 20.32 6.72 5.70
N GLY B 180 19.42 6.75 6.67
CA GLY B 180 18.10 7.37 6.49
C GLY B 180 17.07 6.56 5.73
N MET B 181 17.24 5.22 5.71
CA MET B 181 16.35 4.35 4.92
C MET B 181 14.96 4.11 5.54
N LEU B 182 14.76 4.56 6.77
CA LEU B 182 13.44 4.46 7.39
C LEU B 182 12.64 5.76 7.36
N GLU B 183 13.20 6.79 6.70
CA GLU B 183 12.50 8.05 6.47
C GLU B 183 11.49 7.90 5.32
N GLU B 184 10.59 8.86 5.18
CA GLU B 184 9.55 8.81 4.16
C GLU B 184 10.08 8.93 2.74
N VAL B 185 11.11 9.75 2.54
CA VAL B 185 11.79 9.85 1.25
C VAL B 185 13.18 9.24 1.38
N VAL B 186 13.44 8.22 0.59
CA VAL B 186 14.58 7.33 0.78
C VAL B 186 15.68 7.60 -0.25
N ASN B 187 16.93 7.34 0.12
CA ASN B 187 18.03 7.42 -0.82
C ASN B 187 17.90 6.35 -1.92
N PRO B 188 17.68 6.78 -3.18
CA PRO B 188 17.48 5.84 -4.28
C PRO B 188 18.72 4.99 -4.58
N GLU B 189 19.91 5.53 -4.32
CA GLU B 189 21.15 4.81 -4.58
C GLU B 189 21.39 3.73 -3.53
N ALA B 190 21.01 4.00 -2.29
CA ALA B 190 21.00 2.99 -1.24
C ALA B 190 19.97 1.89 -1.52
N GLN B 191 18.79 2.27 -2.02
CA GLN B 191 17.78 1.29 -2.42
C GLN B 191 18.30 0.37 -3.53
N ARG B 192 19.04 0.95 -4.48
CA ARG B 192 19.68 0.18 -5.55
C ARG B 192 20.67 -0.84 -5.00
N PHE B 193 21.40 -0.48 -3.94
CA PHE B 193 22.32 -1.40 -3.30
C PHE B 193 21.57 -2.60 -2.70
N ILE B 194 20.48 -2.32 -1.99
CA ILE B 194 19.63 -3.34 -1.38
C ILE B 194 19.10 -4.31 -2.44
N ASP B 195 18.52 -3.77 -3.52
CA ASP B 195 17.97 -4.59 -4.61
C ASP B 195 19.02 -5.45 -5.26
N ALA B 196 20.24 -4.95 -5.37
CA ALA B 196 21.33 -5.67 -6.02
C ALA B 196 21.68 -6.93 -5.23
N ILE B 197 21.60 -6.82 -3.90
CA ILE B 197 21.95 -7.92 -3.01
C ILE B 197 21.01 -9.10 -3.26
N TYR B 198 19.72 -8.81 -3.30
CA TYR B 198 18.71 -9.84 -3.56
C TYR B 198 18.87 -10.41 -4.96
N GLN B 199 19.11 -9.53 -5.91
CA GLN B 199 19.32 -9.90 -7.32
C GLN B 199 20.52 -10.82 -7.44
N MET B 200 21.59 -10.50 -6.72
CA MET B 200 22.78 -11.36 -6.65
C MET B 200 22.46 -12.80 -6.17
N PHE B 201 21.71 -12.92 -5.07
CA PHE B 201 21.25 -14.23 -4.58
C PHE B 201 20.36 -14.93 -5.60
N HIS B 202 19.36 -14.21 -6.07
CA HIS B 202 18.38 -14.76 -7.01
C HIS B 202 19.05 -15.26 -8.28
N THR B 203 19.95 -14.48 -8.87
CA THR B 203 20.60 -14.89 -10.13
C THR B 203 21.63 -16.01 -9.92
N SER B 204 21.97 -16.31 -8.68
CA SER B 204 22.91 -17.40 -8.41
C SER B 204 22.31 -18.76 -8.74
N VAL B 205 20.99 -18.90 -8.55
CA VAL B 205 20.33 -20.22 -8.57
C VAL B 205 20.49 -21.00 -9.90
N PRO B 206 20.22 -20.35 -11.06
CA PRO B 206 20.35 -21.10 -12.32
C PRO B 206 21.77 -21.59 -12.63
N MET B 207 22.78 -21.08 -11.92
CA MET B 207 24.15 -21.50 -12.18
C MET B 207 24.72 -22.47 -11.14
N LEU B 208 23.90 -22.84 -10.15
CA LEU B 208 24.40 -23.46 -8.89
C LEU B 208 25.20 -24.79 -8.95
N ASN B 209 24.73 -25.75 -9.72
CA ASN B 209 25.38 -27.06 -9.78
C ASN B 209 26.21 -27.23 -11.07
N LEU B 210 26.73 -26.12 -11.58
CA LEU B 210 27.48 -26.13 -12.85
C LEU B 210 28.90 -25.61 -12.73
N PRO B 211 29.85 -26.20 -13.46
CA PRO B 211 31.17 -25.58 -13.47
C PRO B 211 31.14 -24.25 -14.25
N PRO B 212 32.09 -23.34 -13.97
CA PRO B 212 32.05 -22.04 -14.66
C PRO B 212 32.08 -22.14 -16.19
N ASP B 213 32.80 -23.11 -16.74
CA ASP B 213 32.82 -23.36 -18.20
C ASP B 213 31.43 -23.50 -18.82
N LEU B 214 30.47 -24.00 -18.04
CA LEU B 214 29.12 -24.15 -18.56
C LEU B 214 28.17 -22.96 -18.30
N PHE B 215 28.56 -22.04 -17.38
CA PHE B 215 27.77 -20.82 -17.07
C PHE B 215 27.50 -20.05 -18.30
N ARG B 216 28.60 -19.58 -18.90
CA ARG B 216 28.56 -18.69 -20.05
C ARG B 216 27.98 -19.36 -21.27
N LEU B 217 27.97 -20.68 -21.29
CA LEU B 217 27.42 -21.42 -22.41
C LEU B 217 25.89 -21.52 -22.36
N PHE B 218 25.37 -21.91 -21.19
CA PHE B 218 23.95 -22.22 -21.07
C PHE B 218 23.16 -21.32 -20.14
N ARG B 219 23.85 -20.41 -19.44
CA ARG B 219 23.21 -19.48 -18.53
C ARG B 219 23.77 -18.07 -18.77
N THR B 220 23.96 -17.76 -20.05
CA THR B 220 24.58 -16.51 -20.48
C THR B 220 23.88 -15.29 -19.91
N LYS B 221 22.57 -15.20 -20.09
CA LYS B 221 21.79 -14.08 -19.59
C LYS B 221 21.82 -13.97 -18.05
N THR B 222 21.65 -15.10 -17.36
CA THR B 222 21.70 -15.09 -15.90
C THR B 222 23.07 -14.62 -15.39
N TRP B 223 24.14 -15.14 -16.00
CA TRP B 223 25.49 -14.79 -15.64
C TRP B 223 25.73 -13.29 -15.80
N LYS B 224 25.26 -12.71 -16.91
CA LYS B 224 25.38 -11.28 -17.13
C LYS B 224 24.62 -10.45 -16.07
N ASP B 225 23.41 -10.89 -15.72
CA ASP B 225 22.64 -10.21 -14.66
C ASP B 225 23.33 -10.32 -13.30
N HIS B 226 23.95 -11.47 -13.06
CA HIS B 226 24.65 -11.76 -11.83
C HIS B 226 25.87 -10.85 -11.67
N VAL B 227 26.69 -10.77 -12.71
CA VAL B 227 27.83 -9.85 -12.77
C VAL B 227 27.41 -8.42 -12.47
N ALA B 228 26.32 -7.97 -13.09
CA ALA B 228 25.84 -6.60 -12.90
C ALA B 228 25.42 -6.35 -11.45
N ALA B 229 24.84 -7.35 -10.80
CA ALA B 229 24.40 -7.22 -9.42
C ALA B 229 25.59 -7.06 -8.47
N TRP B 230 26.59 -7.93 -8.63
CA TRP B 230 27.83 -7.81 -7.86
C TRP B 230 28.50 -6.46 -8.10
N ASP B 231 28.54 -5.98 -9.36
CA ASP B 231 29.11 -4.66 -9.68
C ASP B 231 28.45 -3.51 -8.90
N VAL B 232 27.15 -3.58 -8.68
CA VAL B 232 26.49 -2.57 -7.85
C VAL B 232 26.98 -2.70 -6.42
N ILE B 233 26.98 -3.93 -5.90
CA ILE B 233 27.43 -4.21 -4.53
C ILE B 233 28.83 -3.62 -4.32
N PHE B 234 29.78 -3.98 -5.18
CA PHE B 234 31.15 -3.52 -5.05
C PHE B 234 31.34 -2.02 -5.20
N SER B 235 30.70 -1.41 -6.20
CA SER B 235 30.91 0.01 -6.43
C SER B 235 30.33 0.87 -5.30
N LYS B 236 29.17 0.47 -4.78
CA LYS B 236 28.55 1.16 -3.65
C LYS B 236 29.32 0.98 -2.36
N ALA B 237 29.73 -0.25 -2.07
CA ALA B 237 30.50 -0.55 -0.85
C ALA B 237 31.85 0.17 -0.89
N ASP B 238 32.51 0.17 -2.04
CA ASP B 238 33.75 0.91 -2.25
C ASP B 238 33.59 2.38 -1.87
N ILE B 239 32.59 3.03 -2.44
CA ILE B 239 32.32 4.45 -2.21
C ILE B 239 32.08 4.76 -0.73
N TYR B 240 31.26 3.96 -0.06
CA TYR B 240 31.03 4.13 1.38
C TYR B 240 32.34 4.07 2.17
N THR B 241 33.11 3.02 1.93
CA THR B 241 34.37 2.81 2.65
C THR B 241 35.37 3.94 2.38
N GLN B 242 35.51 4.35 1.13
CA GLN B 242 36.46 5.37 0.74
C GLN B 242 36.09 6.76 1.25
N ASN B 243 34.80 7.12 1.14
CA ASN B 243 34.29 8.36 1.72
C ASN B 243 34.55 8.43 3.23
N PHE B 244 34.32 7.32 3.93
CA PHE B 244 34.51 7.28 5.38
C PHE B 244 35.99 7.50 5.70
N TYR B 245 36.84 6.80 4.94
CA TYR B 245 38.30 6.91 5.09
C TYR B 245 38.75 8.36 5.00
N TRP B 246 38.30 9.09 3.99
CA TRP B 246 38.72 10.46 3.79
C TRP B 246 38.10 11.45 4.78
N GLU B 247 36.81 11.29 5.05
CA GLU B 247 36.13 12.09 6.08
C GLU B 247 36.77 11.93 7.45
N LEU B 248 37.27 10.73 7.73
CA LEU B 248 37.97 10.47 8.97
C LEU B 248 39.18 11.41 9.14
N ARG B 249 39.88 11.65 8.03
CA ARG B 249 41.06 12.51 8.02
C ARG B 249 40.68 13.99 8.01
N GLN B 250 39.51 14.31 7.46
CA GLN B 250 38.99 15.68 7.46
C GLN B 250 38.57 16.13 8.86
N LYS B 251 37.80 15.28 9.54
CA LYS B 251 37.31 15.56 10.88
C LYS B 251 38.38 15.27 11.95
N GLY B 252 38.10 15.63 13.19
CA GLY B 252 39.04 15.40 14.29
C GLY B 252 39.04 13.96 14.76
N SER B 253 40.04 13.17 14.33
CA SER B 253 40.12 11.73 14.62
C SER B 253 40.47 11.37 16.08
N VAL B 254 40.12 12.27 17.00
CA VAL B 254 40.25 12.03 18.43
C VAL B 254 38.83 11.92 19.00
N HIS B 255 38.43 10.70 19.36
CA HIS B 255 37.06 10.42 19.80
C HIS B 255 37.00 9.47 20.98
N HIS B 256 36.28 9.90 22.03
CA HIS B 256 36.02 9.03 23.18
C HIS B 256 34.80 8.14 22.94
N ASP B 257 33.77 8.70 22.32
CA ASP B 257 32.55 7.94 22.02
C ASP B 257 32.81 6.89 20.94
N TYR B 258 32.08 5.79 21.03
CA TYR B 258 32.14 4.72 20.03
C TYR B 258 31.61 5.19 18.68
N ARG B 259 32.37 4.89 17.63
CA ARG B 259 32.03 5.41 16.30
C ARG B 259 31.72 4.34 15.25
N GLY B 260 31.71 3.07 15.65
CA GLY B 260 31.39 1.99 14.72
C GLY B 260 32.56 1.06 14.39
N ILE B 261 32.25 -0.03 13.68
CA ILE B 261 33.23 -1.06 13.36
C ILE B 261 34.37 -0.55 12.47
N LEU B 262 34.01 0.20 11.41
CA LEU B 262 35.00 0.66 10.44
C LEU B 262 36.02 1.60 11.09
N TYR B 263 35.53 2.49 11.96
CA TYR B 263 36.37 3.41 12.71
C TYR B 263 37.46 2.64 13.45
N ARG B 264 37.07 1.55 14.10
CA ARG B 264 37.99 0.73 14.86
C ARG B 264 38.96 -0.09 14.00
N LEU B 265 38.50 -0.55 12.85
CA LEU B 265 39.36 -1.33 11.98
C LEU B 265 40.40 -0.41 11.34
N LEU B 266 39.97 0.74 10.84
CA LEU B 266 40.89 1.72 10.27
C LEU B 266 41.85 2.27 11.31
N GLY B 267 41.36 2.43 12.54
CA GLY B 267 42.13 2.97 13.64
C GLY B 267 43.18 2.03 14.21
N ASP B 268 42.81 0.78 14.44
CA ASP B 268 43.67 -0.14 15.20
C ASP B 268 43.41 -1.62 14.90
N SER B 269 43.87 -2.08 13.72
CA SER B 269 43.83 -3.52 13.39
C SER B 269 45.01 -3.98 12.53
N LYS B 270 45.28 -5.28 12.59
CA LYS B 270 46.33 -5.90 11.78
C LYS B 270 45.98 -6.00 10.29
N MET B 271 44.76 -5.61 9.94
CA MET B 271 44.27 -5.71 8.56
C MET B 271 44.74 -4.54 7.68
N SER B 272 45.06 -4.85 6.44
CA SER B 272 45.31 -3.84 5.43
C SER B 272 44.01 -3.16 5.05
N PHE B 273 44.10 -1.97 4.46
CA PHE B 273 42.91 -1.27 3.96
C PHE B 273 42.16 -2.12 2.93
N GLU B 274 42.93 -2.86 2.13
CA GLU B 274 42.41 -3.74 1.09
C GLU B 274 41.50 -4.81 1.69
N ASP B 275 41.98 -5.48 2.74
CA ASP B 275 41.23 -6.50 3.44
C ASP B 275 40.02 -5.94 4.18
N ILE B 276 40.18 -4.75 4.76
CA ILE B 276 39.10 -4.08 5.46
C ILE B 276 37.96 -3.77 4.51
N LYS B 277 38.25 -3.15 3.37
CA LYS B 277 37.23 -2.82 2.40
C LYS B 277 36.55 -4.08 1.84
N ALA B 278 37.33 -5.11 1.58
CA ALA B 278 36.80 -6.37 1.08
C ALA B 278 35.77 -6.96 2.06
N ASN B 279 36.12 -6.98 3.34
CA ASN B 279 35.27 -7.52 4.39
C ASN B 279 34.05 -6.68 4.75
N VAL B 280 34.19 -5.35 4.69
CA VAL B 280 33.06 -4.43 4.83
C VAL B 280 32.01 -4.75 3.77
N THR B 281 32.47 -4.92 2.54
CA THR B 281 31.58 -5.26 1.43
C THR B 281 30.78 -6.53 1.76
N GLU B 282 31.48 -7.55 2.26
CA GLU B 282 30.85 -8.84 2.60
C GLU B 282 29.91 -8.78 3.80
N MET B 283 30.28 -8.00 4.81
CA MET B 283 29.41 -7.81 5.96
C MET B 283 28.12 -7.08 5.58
N LEU B 284 28.26 -6.05 4.75
CA LEU B 284 27.10 -5.32 4.24
C LEU B 284 26.13 -6.22 3.47
N ALA B 285 26.68 -7.02 2.56
CA ALA B 285 25.86 -7.85 1.68
C ALA B 285 25.27 -9.07 2.39
N GLY B 286 25.99 -9.55 3.40
CA GLY B 286 25.56 -10.73 4.14
C GLY B 286 24.48 -10.42 5.16
N GLY B 287 24.32 -9.15 5.49
CA GLY B 287 23.46 -8.75 6.60
C GLY B 287 22.10 -8.17 6.29
N VAL B 288 21.74 -8.10 5.02
CA VAL B 288 20.48 -7.49 4.60
C VAL B 288 19.35 -8.52 4.42
N ASP B 289 19.54 -9.50 3.55
CA ASP B 289 18.50 -10.51 3.28
C ASP B 289 18.35 -11.53 4.41
N THR B 290 19.37 -11.64 5.27
CA THR B 290 19.41 -12.67 6.30
C THR B 290 18.52 -12.34 7.49
N THR B 291 18.81 -11.24 8.16
CA THR B 291 18.06 -10.84 9.34
C THR B 291 16.63 -10.43 8.98
N SER B 292 16.46 -9.82 7.81
CA SER B 292 15.12 -9.39 7.38
C SER B 292 14.16 -10.57 7.13
N MET B 293 14.63 -11.61 6.43
CA MET B 293 13.79 -12.80 6.19
C MET B 293 13.50 -13.54 7.49
N THR B 294 14.50 -13.58 8.37
CA THR B 294 14.39 -14.29 9.63
C THR B 294 13.36 -13.60 10.52
N LEU B 295 13.46 -12.28 10.62
CA LEU B 295 12.50 -11.46 11.35
C LEU B 295 11.08 -11.57 10.81
N GLN B 296 10.93 -11.57 9.48
CA GLN B 296 9.63 -11.79 8.86
C GLN B 296 9.02 -13.15 9.24
N TRP B 297 9.84 -14.20 9.28
CA TRP B 297 9.39 -15.52 9.73
C TRP B 297 8.99 -15.52 11.22
N HIS B 298 9.74 -14.80 12.03
CA HIS B 298 9.44 -14.72 13.45
C HIS B 298 8.10 -14.04 13.65
N LEU B 299 7.90 -12.89 13.01
CA LEU B 299 6.61 -12.20 13.03
C LEU B 299 5.50 -13.13 12.58
N TYR B 300 5.78 -13.88 11.52
CA TYR B 300 4.83 -14.83 10.98
C TYR B 300 4.44 -15.92 11.99
N GLU B 301 5.44 -16.51 12.65
CA GLU B 301 5.19 -17.58 13.63
C GLU B 301 4.46 -17.06 14.87
N MET B 302 4.75 -15.82 15.27
CA MET B 302 4.02 -15.19 16.36
C MET B 302 2.55 -14.96 16.02
N ALA B 303 2.27 -14.53 14.79
CA ALA B 303 0.91 -14.28 14.34
C ALA B 303 0.14 -15.59 14.19
N ARG B 304 0.88 -16.66 13.89
CA ARG B 304 0.33 -17.99 13.67
C ARG B 304 0.07 -18.70 15.01
N ASN B 305 0.81 -18.33 16.06
CA ASN B 305 0.64 -18.88 17.39
C ASN B 305 0.47 -17.77 18.42
N LEU B 306 -0.75 -17.25 18.53
CA LEU B 306 -1.03 -16.10 19.39
C LEU B 306 -0.74 -16.36 20.87
N LYS B 307 -0.85 -17.61 21.29
CA LYS B 307 -0.51 -17.99 22.67
C LYS B 307 0.98 -17.74 22.93
N VAL B 308 1.82 -18.15 21.99
CA VAL B 308 3.26 -17.89 22.08
C VAL B 308 3.55 -16.38 22.03
N GLN B 309 2.87 -15.65 21.15
CA GLN B 309 3.03 -14.19 21.08
C GLN B 309 2.74 -13.51 22.42
N ASP B 310 1.63 -13.90 23.07
CA ASP B 310 1.28 -13.38 24.39
C ASP B 310 2.38 -13.67 25.43
N MET B 311 2.91 -14.88 25.41
CA MET B 311 3.99 -15.26 26.31
C MET B 311 5.22 -14.37 26.13
N LEU B 312 5.58 -14.11 24.88
CA LEU B 312 6.77 -13.32 24.60
C LEU B 312 6.58 -11.86 25.00
N ARG B 313 5.40 -11.30 24.72
CA ARG B 313 5.12 -9.93 25.12
C ARG B 313 5.20 -9.81 26.64
N ALA B 314 4.54 -10.72 27.36
CA ALA B 314 4.54 -10.67 28.83
C ALA B 314 5.97 -10.74 29.37
N GLU B 315 6.81 -11.57 28.75
CA GLU B 315 8.22 -11.65 29.18
C GLU B 315 8.97 -10.35 28.95
N VAL B 316 8.70 -9.69 27.82
CA VAL B 316 9.35 -8.44 27.46
C VAL B 316 8.93 -7.29 28.38
N LEU B 317 7.62 -7.15 28.60
CA LEU B 317 7.09 -6.15 29.54
C LEU B 317 7.72 -6.29 30.94
N ALA B 318 7.82 -7.53 31.42
CA ALA B 318 8.42 -7.80 32.73
C ALA B 318 9.88 -7.42 32.74
N ALA B 319 10.58 -7.73 31.65
CA ALA B 319 11.99 -7.42 31.51
C ALA B 319 12.27 -5.91 31.49
N ARG B 320 11.49 -5.16 30.72
CA ARG B 320 11.61 -3.70 30.67
C ARG B 320 11.40 -3.09 32.06
N HIS B 321 10.41 -3.60 32.77
CA HIS B 321 10.12 -3.16 34.13
C HIS B 321 11.23 -3.52 35.12
N GLN B 322 11.70 -4.77 35.09
CA GLN B 322 12.74 -5.21 36.04
C GLN B 322 14.10 -4.53 35.77
N ALA B 323 14.33 -4.16 34.52
CA ALA B 323 15.56 -3.48 34.11
C ALA B 323 15.43 -1.97 34.29
N GLN B 324 14.28 -1.53 34.79
CA GLN B 324 13.97 -0.11 34.93
C GLN B 324 14.30 0.66 33.64
N GLY B 325 14.03 0.03 32.49
CA GLY B 325 14.23 0.67 31.20
C GLY B 325 15.55 0.38 30.46
N ASP B 326 16.58 -0.08 31.17
CA ASP B 326 17.91 -0.31 30.57
C ASP B 326 17.93 -1.47 29.55
N MET B 327 18.37 -1.19 28.32
CA MET B 327 18.35 -2.20 27.26
C MET B 327 19.36 -3.32 27.53
N ALA B 328 20.59 -2.96 27.88
CA ALA B 328 21.61 -3.96 28.23
C ALA B 328 21.11 -4.93 29.31
N THR B 329 20.48 -4.37 30.35
CA THR B 329 19.90 -5.19 31.41
C THR B 329 18.73 -6.07 30.90
N MET B 330 17.86 -5.51 30.08
CA MET B 330 16.71 -6.25 29.50
C MET B 330 17.11 -7.51 28.78
N LEU B 331 18.20 -7.41 28.01
CA LEU B 331 18.68 -8.49 27.15
C LEU B 331 19.13 -9.71 27.93
N GLN B 332 19.36 -9.53 29.23
CA GLN B 332 19.68 -10.63 30.14
C GLN B 332 18.45 -11.22 30.81
N LEU B 333 17.28 -10.66 30.50
CA LEU B 333 16.04 -11.05 31.18
C LEU B 333 14.96 -11.57 30.24
N VAL B 334 15.35 -11.98 29.05
CA VAL B 334 14.37 -12.32 28.02
C VAL B 334 14.67 -13.70 27.37
N PRO B 335 14.90 -14.74 28.21
CA PRO B 335 15.34 -16.05 27.71
C PRO B 335 14.35 -16.74 26.76
N LEU B 336 13.05 -16.52 26.96
CA LEU B 336 12.07 -17.08 26.03
C LEU B 336 12.13 -16.42 24.65
N LEU B 337 12.49 -15.13 24.60
CA LEU B 337 12.62 -14.42 23.31
C LEU B 337 13.83 -14.94 22.55
N LYS B 338 14.94 -15.15 23.26
CA LYS B 338 16.16 -15.68 22.68
C LYS B 338 15.94 -17.09 22.13
N ALA B 339 15.20 -17.90 22.90
CA ALA B 339 14.82 -19.24 22.44
C ALA B 339 13.90 -19.19 21.22
N SER B 340 13.08 -18.15 21.12
CA SER B 340 12.15 -18.02 20.00
C SER B 340 12.89 -17.70 18.70
N ILE B 341 14.07 -17.10 18.83
CA ILE B 341 14.95 -16.88 17.70
C ILE B 341 15.57 -18.21 17.25
N LYS B 342 16.06 -19.00 18.20
CA LYS B 342 16.56 -20.36 17.91
C LYS B 342 15.45 -21.16 17.24
N GLU B 343 14.24 -21.07 17.79
CA GLU B 343 13.07 -21.73 17.24
C GLU B 343 12.70 -21.26 15.82
N THR B 344 12.88 -19.96 15.54
CA THR B 344 12.57 -19.47 14.21
C THR B 344 13.58 -20.03 13.20
N LEU B 345 14.85 -20.04 13.59
CA LEU B 345 15.91 -20.58 12.74
C LEU B 345 15.89 -22.11 12.57
N ARG B 346 15.28 -22.84 13.51
CA ARG B 346 15.09 -24.27 13.35
C ARG B 346 14.13 -24.56 12.19
N LEU B 347 12.99 -23.88 12.19
CA LEU B 347 11.98 -24.05 11.16
C LEU B 347 12.36 -23.37 9.85
N HIS B 348 13.04 -22.24 9.95
CA HIS B 348 13.30 -21.41 8.79
C HIS B 348 14.78 -21.00 8.76
N PRO B 349 15.68 -21.96 8.52
CA PRO B 349 17.06 -21.56 8.37
C PRO B 349 17.22 -20.71 7.13
N ILE B 350 18.19 -19.79 7.17
CA ILE B 350 18.57 -19.06 5.97
C ILE B 350 19.35 -20.00 5.02
N SER B 351 20.17 -20.86 5.61
CA SER B 351 21.08 -21.79 4.94
C SER B 351 20.42 -23.18 4.84
N VAL B 352 20.20 -23.71 3.64
CA VAL B 352 19.56 -25.03 3.51
C VAL B 352 20.39 -26.09 4.20
N THR B 353 21.71 -25.92 4.14
CA THR B 353 22.64 -26.86 4.73
C THR B 353 23.82 -26.10 5.34
N LEU B 354 24.57 -26.81 6.17
CA LEU B 354 25.94 -26.42 6.51
C LEU B 354 26.83 -27.42 5.78
N GLN B 355 28.03 -27.01 5.43
CA GLN B 355 28.94 -27.92 4.74
C GLN B 355 30.35 -27.78 5.29
N ARG B 356 31.08 -28.89 5.31
CA ARG B 356 32.48 -28.92 5.66
C ARG B 356 33.20 -29.94 4.77
N TYR B 357 34.40 -29.59 4.31
CA TYR B 357 35.28 -30.57 3.70
C TYR B 357 36.05 -31.27 4.82
N LEU B 358 36.08 -32.59 4.78
CA LEU B 358 36.82 -33.35 5.77
C LEU B 358 38.32 -33.14 5.60
N VAL B 359 39.02 -32.93 6.71
CA VAL B 359 40.48 -32.81 6.70
C VAL B 359 41.11 -34.21 6.81
N ASN B 360 40.44 -35.09 7.57
CA ASN B 360 40.83 -36.49 7.70
C ASN B 360 39.66 -37.42 7.40
N ASP B 361 39.98 -38.69 7.11
CA ASP B 361 38.97 -39.74 6.97
C ASP B 361 38.06 -39.73 8.19
N LEU B 362 36.78 -40.02 7.98
CA LEU B 362 35.80 -40.05 9.06
C LEU B 362 34.77 -41.15 8.87
N VAL B 363 34.46 -41.85 9.96
CA VAL B 363 33.43 -42.87 9.92
C VAL B 363 32.10 -42.30 10.42
N LEU B 364 31.05 -42.41 9.59
CA LEU B 364 29.70 -42.03 9.98
C LEU B 364 28.73 -43.13 9.58
N ARG B 365 27.92 -43.58 10.54
CA ARG B 365 26.87 -44.59 10.27
C ARG B 365 27.47 -45.91 9.78
N ASP B 366 28.71 -46.18 10.18
CA ASP B 366 29.44 -47.39 9.77
C ASP B 366 29.94 -47.31 8.31
N TYR B 367 30.08 -46.09 7.79
CA TYR B 367 30.64 -45.87 6.47
C TYR B 367 31.91 -45.04 6.56
N MET B 368 32.91 -45.41 5.76
CA MET B 368 34.16 -44.68 5.72
C MET B 368 34.07 -43.53 4.73
N ILE B 369 34.15 -42.30 5.24
CA ILE B 369 34.13 -41.12 4.38
C ILE B 369 35.54 -40.54 4.30
N PRO B 370 36.15 -40.64 3.10
CA PRO B 370 37.54 -40.23 2.89
C PRO B 370 37.78 -38.73 3.06
N ALA B 371 39.01 -38.39 3.44
CA ALA B 371 39.46 -37.00 3.54
C ALA B 371 39.17 -36.23 2.27
N LYS B 372 38.84 -34.95 2.42
CA LYS B 372 38.47 -34.04 1.32
C LYS B 372 37.04 -34.23 0.77
N THR B 373 36.31 -35.23 1.27
CA THR B 373 34.90 -35.37 0.90
C THR B 373 34.11 -34.17 1.46
N LEU B 374 33.20 -33.64 0.66
CA LEU B 374 32.27 -32.61 1.09
C LEU B 374 31.09 -33.24 1.85
N VAL B 375 30.91 -32.85 3.11
CA VAL B 375 29.79 -33.33 3.92
C VAL B 375 28.82 -32.18 4.19
N GLN B 376 27.54 -32.41 3.93
CA GLN B 376 26.50 -31.41 4.15
C GLN B 376 25.51 -31.86 5.22
N VAL B 377 25.27 -30.99 6.20
CA VAL B 377 24.24 -31.22 7.20
C VAL B 377 22.94 -30.59 6.71
N ALA B 378 21.92 -31.42 6.47
CA ALA B 378 20.66 -30.94 5.96
C ALA B 378 19.83 -30.31 7.07
N ILE B 379 20.17 -29.05 7.35
CA ILE B 379 19.64 -28.31 8.48
C ILE B 379 18.15 -28.03 8.34
N TYR B 380 17.70 -27.76 7.12
CA TYR B 380 16.27 -27.61 6.88
C TYR B 380 15.54 -28.93 7.16
N ALA B 381 16.00 -30.02 6.57
CA ALA B 381 15.38 -31.33 6.78
C ALA B 381 15.40 -31.77 8.24
N LEU B 382 16.49 -31.49 8.94
CA LEU B 382 16.61 -31.74 10.37
C LEU B 382 15.52 -31.02 11.20
N GLY B 383 15.31 -29.73 10.93
CA GLY B 383 14.29 -28.94 11.61
C GLY B 383 12.86 -29.42 11.48
N ARG B 384 12.54 -30.11 10.38
CA ARG B 384 11.19 -30.66 10.17
C ARG B 384 11.06 -32.16 10.50
N GLU B 385 12.12 -32.76 11.02
CA GLU B 385 12.16 -34.22 11.19
C GLU B 385 11.59 -34.62 12.56
N PRO B 386 10.46 -35.38 12.57
CA PRO B 386 9.80 -35.69 13.85
C PRO B 386 10.62 -36.54 14.83
N THR B 387 11.65 -37.26 14.36
CA THR B 387 12.50 -38.08 15.25
C THR B 387 13.54 -37.26 15.98
N PHE B 388 13.77 -36.03 15.55
CA PHE B 388 14.75 -35.19 16.22
C PHE B 388 14.12 -34.02 16.97
N PHE B 389 12.89 -33.68 16.63
CA PHE B 389 12.14 -32.65 17.35
C PHE B 389 10.72 -33.11 17.54
N PHE B 390 10.22 -32.96 18.75
CA PHE B 390 8.83 -33.24 19.08
C PHE B 390 7.91 -32.22 18.42
N ASP B 391 6.91 -32.72 17.70
CA ASP B 391 5.93 -31.88 17.00
C ASP B 391 6.58 -30.75 16.19
N PRO B 392 7.47 -31.11 15.23
CA PRO B 392 8.34 -30.12 14.56
C PRO B 392 7.62 -28.97 13.85
N GLU B 393 6.38 -29.18 13.39
CA GLU B 393 5.64 -28.12 12.73
C GLU B 393 5.12 -27.05 13.70
N ASN B 394 5.18 -27.35 14.99
CA ASN B 394 4.73 -26.41 16.02
C ASN B 394 5.84 -25.43 16.42
N PHE B 395 5.47 -24.16 16.54
CA PHE B 395 6.41 -23.13 16.99
C PHE B 395 6.43 -23.17 18.52
N ASP B 396 7.51 -23.73 19.09
CA ASP B 396 7.64 -23.88 20.54
C ASP B 396 9.01 -23.49 21.09
N PRO B 397 9.18 -22.20 21.43
CA PRO B 397 10.43 -21.69 21.98
C PRO B 397 10.85 -22.42 23.27
N THR B 398 9.90 -22.91 24.05
CA THR B 398 10.24 -23.55 25.34
C THR B 398 11.10 -24.81 25.17
N ARG B 399 11.06 -25.43 23.99
CA ARG B 399 11.91 -26.59 23.71
C ARG B 399 13.40 -26.32 23.96
N TRP B 400 13.84 -25.07 23.73
CA TRP B 400 15.25 -24.68 23.92
C TRP B 400 15.61 -24.38 25.38
N LEU B 401 14.61 -24.40 26.25
CA LEU B 401 14.80 -24.14 27.67
C LEU B 401 14.88 -25.44 28.47
N SER B 402 14.37 -26.52 27.88
CA SER B 402 14.44 -27.85 28.48
C SER B 402 15.81 -28.15 29.11
N LYS B 403 15.80 -28.62 30.35
CA LYS B 403 17.03 -29.09 31.00
C LYS B 403 17.21 -30.59 30.77
N ASP B 404 17.36 -30.94 29.50
CA ASP B 404 17.53 -32.31 29.04
C ASP B 404 18.33 -32.22 27.75
N LYS B 405 19.63 -32.50 27.86
CA LYS B 405 20.60 -32.37 26.78
C LYS B 405 20.13 -32.91 25.44
N ASN B 406 19.50 -34.09 25.47
CA ASN B 406 19.09 -34.79 24.26
C ASN B 406 18.10 -34.02 23.39
N ILE B 407 17.41 -33.06 23.99
CA ILE B 407 16.43 -32.29 23.25
C ILE B 407 17.06 -31.18 22.40
N THR B 408 18.16 -30.61 22.88
CA THR B 408 18.80 -29.50 22.15
C THR B 408 20.19 -29.85 21.60
N TYR B 409 20.63 -31.08 21.83
CA TYR B 409 21.98 -31.51 21.44
C TYR B 409 22.23 -31.32 19.93
N PHE B 410 23.21 -30.48 19.62
CA PHE B 410 23.56 -30.12 18.23
C PHE B 410 22.35 -29.84 17.34
N ARG B 411 21.40 -29.07 17.89
CA ARG B 411 20.17 -28.72 17.20
C ARG B 411 20.14 -27.24 16.80
N ASN B 412 20.94 -26.42 17.48
CA ASN B 412 20.96 -24.97 17.28
C ASN B 412 21.97 -24.59 16.21
N LEU B 413 21.59 -24.71 14.96
CA LEU B 413 22.56 -24.69 13.88
C LEU B 413 22.35 -23.58 12.85
N GLY B 414 21.40 -22.68 13.14
CA GLY B 414 21.05 -21.59 12.23
C GLY B 414 22.18 -20.64 11.83
N PHE B 415 23.17 -20.51 12.71
CA PHE B 415 24.35 -19.66 12.45
C PHE B 415 25.60 -20.49 12.21
N GLY B 416 25.43 -21.81 12.04
CA GLY B 416 26.56 -22.71 11.89
C GLY B 416 27.21 -23.05 13.22
N TRP B 417 28.47 -23.49 13.17
CA TRP B 417 29.15 -23.99 14.36
C TRP B 417 30.63 -23.67 14.28
N GLY B 418 31.25 -23.52 15.45
CA GLY B 418 32.70 -23.47 15.57
C GLY B 418 33.34 -22.20 15.06
N VAL B 419 34.63 -22.30 14.74
CA VAL B 419 35.46 -21.14 14.42
C VAL B 419 35.03 -20.40 13.13
N ARG B 420 34.37 -21.11 12.20
CA ARG B 420 33.90 -20.48 10.98
C ARG B 420 32.37 -20.34 10.90
N GLN B 421 31.72 -20.31 12.06
CA GLN B 421 30.29 -19.99 12.15
C GLN B 421 30.04 -18.59 11.58
N CYS B 422 28.78 -18.23 11.41
CA CYS B 422 28.40 -16.89 10.98
C CYS B 422 29.24 -15.81 11.64
N LEU B 423 29.91 -15.00 10.84
CA LEU B 423 30.67 -13.87 11.40
C LEU B 423 29.73 -12.81 11.98
N GLY B 424 28.55 -12.67 11.40
CA GLY B 424 27.59 -11.66 11.84
C GLY B 424 26.67 -12.12 12.95
N ARG B 425 26.98 -13.24 13.59
CA ARG B 425 26.06 -13.86 14.54
C ARG B 425 25.64 -12.92 15.69
N ARG B 426 26.60 -12.25 16.32
CA ARG B 426 26.30 -11.34 17.44
C ARG B 426 25.52 -10.11 16.98
N ILE B 427 25.91 -9.56 15.83
CA ILE B 427 25.16 -8.45 15.25
C ILE B 427 23.71 -8.88 15.01
N ALA B 428 23.55 -10.05 14.41
CA ALA B 428 22.25 -10.57 14.01
C ALA B 428 21.36 -10.85 15.22
N GLU B 429 21.91 -11.55 16.20
CA GLU B 429 21.17 -11.84 17.44
C GLU B 429 20.74 -10.57 18.16
N LEU B 430 21.68 -9.65 18.37
CA LEU B 430 21.34 -8.37 18.99
C LEU B 430 20.31 -7.59 18.19
N GLU B 431 20.50 -7.50 16.88
CA GLU B 431 19.56 -6.79 16.00
C GLU B 431 18.14 -7.35 16.11
N MET B 432 18.01 -8.67 16.06
CA MET B 432 16.69 -9.30 16.06
C MET B 432 16.06 -9.25 17.43
N THR B 433 16.87 -9.46 18.49
CA THR B 433 16.33 -9.43 19.84
C THR B 433 15.79 -8.03 20.17
N ILE B 434 16.58 -7.00 19.87
CA ILE B 434 16.17 -5.62 20.11
C ILE B 434 14.98 -5.20 19.26
N PHE B 435 14.96 -5.65 18.01
CA PHE B 435 13.85 -5.35 17.12
C PHE B 435 12.57 -5.94 17.70
N LEU B 436 12.67 -7.17 18.19
CA LEU B 436 11.48 -7.88 18.66
C LEU B 436 10.97 -7.34 19.99
N ILE B 437 11.88 -6.88 20.86
CA ILE B 437 11.51 -6.14 22.07
C ILE B 437 10.69 -4.92 21.71
N ASN B 438 11.19 -4.12 20.77
CA ASN B 438 10.49 -2.91 20.34
C ASN B 438 9.12 -3.19 19.74
N MET B 439 9.06 -4.22 18.89
CA MET B 439 7.83 -4.61 18.24
C MET B 439 6.79 -5.13 19.25
N LEU B 440 7.21 -6.07 20.10
CA LEU B 440 6.33 -6.65 21.11
C LEU B 440 5.74 -5.62 22.10
N GLU B 441 6.54 -4.63 22.49
CA GLU B 441 6.08 -3.53 23.34
C GLU B 441 5.04 -2.62 22.68
N ASN B 442 4.99 -2.60 21.35
CA ASN B 442 4.18 -1.63 20.61
C ASN B 442 3.01 -2.17 19.80
N PHE B 443 3.11 -3.40 19.32
CA PHE B 443 2.07 -3.94 18.45
C PHE B 443 1.67 -5.38 18.76
N ARG B 444 0.44 -5.69 18.40
CA ARG B 444 -0.04 -7.06 18.26
C ARG B 444 0.01 -7.38 16.78
N VAL B 445 0.50 -8.56 16.44
CA VAL B 445 0.69 -8.96 15.06
C VAL B 445 -0.28 -10.07 14.64
N GLU B 446 -0.96 -9.88 13.52
CA GLU B 446 -1.87 -10.88 12.95
C GLU B 446 -1.61 -11.17 11.48
N ILE B 447 -2.05 -12.35 11.06
CA ILE B 447 -2.09 -12.76 9.65
C ILE B 447 -3.50 -13.29 9.33
N GLN B 448 -3.82 -13.42 8.05
CA GLN B 448 -5.09 -13.98 7.59
C GLN B 448 -5.32 -15.42 8.09
N HIS B 449 -6.55 -15.69 8.50
CA HIS B 449 -6.95 -16.90 9.23
C HIS B 449 -6.33 -18.21 8.72
N LEU B 450 -6.27 -18.38 7.41
CA LEU B 450 -5.72 -19.60 6.81
C LEU B 450 -4.18 -19.62 6.95
N SER B 451 -3.49 -19.09 5.95
CA SER B 451 -2.03 -18.89 5.95
C SER B 451 -1.19 -20.14 6.30
N ASP B 452 -0.84 -20.89 5.26
CA ASP B 452 0.20 -21.91 5.34
C ASP B 452 1.24 -21.55 4.28
N VAL B 453 2.18 -20.69 4.66
CA VAL B 453 3.20 -20.21 3.74
C VAL B 453 4.40 -21.16 3.73
N GLY B 454 4.68 -21.73 2.57
CA GLY B 454 5.83 -22.60 2.42
C GLY B 454 7.10 -21.82 2.12
N THR B 455 8.14 -22.54 1.72
CA THR B 455 9.48 -22.02 1.56
C THR B 455 9.92 -22.17 0.11
N THR B 456 10.68 -21.20 -0.39
CA THR B 456 11.31 -21.32 -1.69
C THR B 456 12.83 -21.10 -1.60
N PHE B 457 13.60 -21.79 -2.43
CA PHE B 457 15.05 -21.64 -2.43
C PHE B 457 15.52 -20.65 -3.50
N ASN B 458 15.99 -19.48 -3.05
CA ASN B 458 16.62 -18.47 -3.91
C ASN B 458 18.03 -18.21 -3.42
N LEU B 459 18.82 -19.28 -3.41
CA LEU B 459 20.13 -19.34 -2.77
C LEU B 459 20.05 -19.23 -1.24
N ILE B 460 19.41 -18.18 -0.75
CA ILE B 460 18.95 -18.21 0.62
C ILE B 460 17.52 -18.74 0.59
N LEU B 461 17.10 -19.39 1.67
CA LEU B 461 15.71 -19.81 1.80
C LEU B 461 14.82 -18.62 2.17
N MET B 462 13.60 -18.61 1.62
CA MET B 462 12.65 -17.54 1.89
C MET B 462 11.19 -17.99 1.66
N PRO B 463 10.22 -17.15 2.09
CA PRO B 463 8.81 -17.52 1.88
C PRO B 463 8.51 -17.74 0.41
N GLU B 464 7.68 -18.73 0.12
CA GLU B 464 7.31 -19.05 -1.26
C GLU B 464 6.42 -17.98 -1.87
N LYS B 465 5.68 -17.26 -1.04
CA LYS B 465 4.77 -16.21 -1.50
C LYS B 465 4.78 -15.09 -0.44
N PRO B 466 4.22 -13.90 -0.78
CA PRO B 466 4.26 -12.81 0.19
C PRO B 466 3.40 -13.03 1.43
N ILE B 467 3.85 -12.44 2.54
CA ILE B 467 3.11 -12.48 3.79
C ILE B 467 2.62 -11.08 4.09
N SER B 468 1.30 -10.97 4.24
CA SER B 468 0.67 -9.70 4.57
C SER B 468 0.27 -9.70 6.04
N PHE B 469 0.88 -8.80 6.82
CA PHE B 469 0.59 -8.67 8.24
C PHE B 469 -0.45 -7.59 8.52
N THR B 470 -1.15 -7.72 9.63
CA THR B 470 -1.94 -6.65 10.21
C THR B 470 -1.35 -6.30 11.57
N PHE B 471 -1.05 -5.02 11.78
CA PHE B 471 -0.50 -4.54 13.05
C PHE B 471 -1.54 -3.71 13.81
N TRP B 472 -1.74 -4.06 15.07
CA TRP B 472 -2.60 -3.31 16.00
C TRP B 472 -1.74 -2.73 17.09
N PRO B 473 -1.92 -1.44 17.42
CA PRO B 473 -1.18 -0.86 18.53
C PRO B 473 -1.53 -1.55 19.83
N PHE B 474 -0.53 -1.96 20.60
CA PHE B 474 -0.74 -2.59 21.90
C PHE B 474 -1.02 -1.55 22.98
N ASN B 475 -2.20 -1.67 23.61
CA ASN B 475 -2.75 -0.70 24.61
C ASN B 475 -3.57 0.45 24.00
N GLY C 43 -40.54 24.15 -23.91
CA GLY C 43 -39.21 23.47 -23.95
C GLY C 43 -38.14 24.29 -23.27
N ALA C 44 -38.05 24.15 -21.95
CA ALA C 44 -37.13 24.94 -21.12
C ALA C 44 -35.65 24.72 -21.45
N CYS C 45 -35.20 23.47 -21.41
CA CYS C 45 -33.81 23.13 -21.74
C CYS C 45 -33.54 23.22 -23.26
N GLU C 46 -34.63 23.33 -24.02
CA GLU C 46 -34.63 23.47 -25.50
C GLU C 46 -34.20 22.21 -26.26
N GLY C 47 -34.81 21.08 -25.90
CA GLY C 47 -34.66 19.82 -26.63
C GLY C 47 -33.34 19.09 -26.41
N THR C 48 -32.90 19.01 -25.15
CA THR C 48 -31.63 18.36 -24.81
C THR C 48 -31.75 17.24 -23.78
N LEU C 49 -32.98 17.01 -23.29
CA LEU C 49 -33.26 16.05 -22.21
C LEU C 49 -32.54 16.47 -20.90
N ALA C 50 -32.84 17.69 -20.45
CA ALA C 50 -32.24 18.26 -19.25
C ALA C 50 -33.27 18.96 -18.35
N CYS C 51 -34.53 18.57 -18.50
CA CYS C 51 -35.65 19.03 -17.66
C CYS C 51 -36.88 18.16 -17.95
N SER C 52 -38.06 18.63 -17.55
CA SER C 52 -39.31 17.91 -17.81
C SER C 52 -40.54 18.82 -18.00
N THR C 53 -40.33 19.97 -18.66
CA THR C 53 -41.42 20.90 -18.94
C THR C 53 -42.28 20.45 -20.14
N CYS C 54 -41.63 19.80 -21.10
CA CYS C 54 -42.31 19.27 -22.27
C CYS C 54 -43.00 17.94 -21.95
N ASP C 71 -33.51 4.74 -20.40
CA ASP C 71 -33.15 4.85 -18.98
C ASP C 71 -33.12 6.30 -18.52
N GLU C 72 -32.54 7.18 -19.34
CA GLU C 72 -32.35 8.60 -19.00
C GLU C 72 -33.67 9.39 -19.03
N GLU C 73 -34.48 9.13 -20.05
CA GLU C 73 -35.82 9.73 -20.16
C GLU C 73 -36.73 9.17 -19.07
N ASN C 74 -36.50 7.91 -18.72
CA ASN C 74 -37.24 7.21 -17.67
C ASN C 74 -37.11 7.88 -16.30
N ASP C 75 -35.95 8.47 -16.04
CA ASP C 75 -35.67 9.16 -14.76
C ASP C 75 -36.23 10.58 -14.72
N MET C 76 -36.25 11.24 -15.88
CA MET C 76 -36.90 12.55 -16.05
C MET C 76 -38.42 12.41 -15.95
N LEU C 77 -38.92 11.26 -16.42
CA LEU C 77 -40.34 10.91 -16.42
C LEU C 77 -40.90 10.78 -15.00
N ASP C 78 -40.06 10.33 -14.08
CA ASP C 78 -40.45 10.16 -12.68
C ASP C 78 -40.69 11.50 -11.97
N LEU C 79 -39.78 12.44 -12.20
CA LEU C 79 -39.82 13.75 -11.54
C LEU C 79 -40.56 14.79 -12.39
N ALA C 80 -41.69 14.38 -12.97
CA ALA C 80 -42.46 15.22 -13.90
C ALA C 80 -42.99 16.50 -13.27
N LEU C 89 -42.83 13.00 -22.64
CA LEU C 89 -42.12 14.25 -22.96
C LEU C 89 -42.53 14.79 -24.33
N GLY C 90 -41.82 15.82 -24.79
CA GLY C 90 -42.12 16.46 -26.06
C GLY C 90 -41.00 16.38 -27.10
N CYS C 91 -39.76 16.57 -26.64
CA CYS C 91 -38.61 16.62 -27.54
C CYS C 91 -38.06 15.23 -27.91
N GLN C 92 -38.36 14.22 -27.09
CA GLN C 92 -37.87 12.85 -27.33
C GLN C 92 -38.97 11.96 -27.89
N ALA D 44 41.03 -21.19 19.75
CA ALA D 44 41.08 -21.03 18.26
C ALA D 44 40.78 -19.58 17.85
N CYS D 45 39.57 -19.11 18.16
CA CYS D 45 39.15 -17.73 17.83
C CYS D 45 39.92 -16.66 18.60
N GLU D 46 40.68 -17.11 19.61
CA GLU D 46 41.58 -16.27 20.42
C GLU D 46 40.89 -15.27 21.36
N GLY D 47 40.10 -15.82 22.29
CA GLY D 47 39.46 -15.06 23.36
C GLY D 47 38.41 -14.06 22.91
N THR D 48 37.43 -14.55 22.14
CA THR D 48 36.44 -13.69 21.48
C THR D 48 34.99 -14.19 21.63
N LEU D 49 34.82 -15.44 22.06
CA LEU D 49 33.50 -16.08 22.21
C LEU D 49 32.91 -16.41 20.83
N ALA D 50 33.76 -16.96 19.95
CA ALA D 50 33.37 -17.31 18.58
C ALA D 50 33.79 -18.74 18.19
N CYS D 51 33.99 -19.58 19.21
CA CYS D 51 34.29 -21.02 19.04
C CYS D 51 34.08 -21.75 20.39
N SER D 52 34.54 -22.99 20.46
CA SER D 52 34.45 -23.77 21.71
C SER D 52 35.67 -24.69 21.97
N THR D 53 36.85 -24.23 21.55
CA THR D 53 38.10 -25.01 21.71
C THR D 53 38.77 -24.78 23.07
N CYS D 54 37.98 -24.37 24.07
CA CYS D 54 38.49 -24.11 25.42
C CYS D 54 37.45 -24.49 26.47
N GLU D 72 24.83 -16.11 25.23
CA GLU D 72 25.89 -16.19 24.24
C GLU D 72 26.84 -17.35 24.55
N GLU D 73 27.21 -17.50 25.82
CA GLU D 73 28.03 -18.62 26.27
C GLU D 73 27.19 -19.88 26.43
N ASN D 74 25.89 -19.69 26.66
CA ASN D 74 24.93 -20.78 26.82
C ASN D 74 24.72 -21.58 25.53
N ASP D 75 24.79 -20.91 24.39
CA ASP D 75 24.65 -21.55 23.07
C ASP D 75 25.92 -22.31 22.68
N MET D 76 27.07 -21.76 23.07
CA MET D 76 28.38 -22.37 22.82
C MET D 76 28.60 -23.60 23.70
N LEU D 77 27.93 -23.62 24.85
CA LEU D 77 28.07 -24.69 25.83
C LEU D 77 27.29 -25.93 25.43
N ASP D 78 26.20 -25.75 24.68
CA ASP D 78 25.36 -26.86 24.19
C ASP D 78 26.02 -27.62 23.03
N LEU D 79 27.22 -27.19 22.66
CA LEU D 79 27.97 -27.76 21.56
C LEU D 79 29.44 -27.94 21.98
N ALA D 80 29.84 -29.20 22.22
CA ALA D 80 31.22 -29.50 22.62
C ALA D 80 31.68 -30.85 22.05
N LEU D 89 33.45 -22.62 28.87
CA LEU D 89 34.60 -22.15 28.09
C LEU D 89 35.80 -21.84 28.98
N GLY D 90 36.94 -21.53 28.35
CA GLY D 90 38.18 -21.29 29.07
C GLY D 90 38.76 -19.89 28.93
N CYS D 91 38.06 -19.02 28.20
CA CYS D 91 38.53 -17.64 27.97
C CYS D 91 37.85 -16.62 28.89
N GLN D 92 36.83 -17.06 29.63
CA GLN D 92 36.13 -16.21 30.61
C GLN D 92 35.43 -17.06 31.67
CHA HEM E . -24.28 21.25 -10.33
CHB HEM E . -23.87 16.83 -8.30
CHC HEM E . -20.50 15.55 -11.56
CHD HEM E . -20.49 20.10 -13.22
C1A HEM E . -24.49 20.14 -9.53
C2A HEM E . -25.51 20.02 -8.49
C3A HEM E . -25.39 18.80 -7.94
C4A HEM E . -24.29 18.12 -8.60
CMA HEM E . -26.25 18.21 -6.80
CAA HEM E . -26.56 21.08 -8.12
CBA HEM E . -27.83 20.73 -8.92
CGA HEM E . -29.01 21.60 -8.55
O1A HEM E . -28.83 22.72 -8.01
O2A HEM E . -30.17 21.19 -8.84
C1B HEM E . -22.95 16.09 -9.00
C2B HEM E . -22.56 14.71 -8.74
C3B HEM E . -21.63 14.36 -9.64
C4B HEM E . -21.39 15.51 -10.50
CMB HEM E . -23.18 13.82 -7.62
CAB HEM E . -20.89 13.03 -9.84
CBB HEM E . -21.24 11.90 -9.20
C1C HEM E . -20.21 16.66 -12.33
C2C HEM E . -19.29 16.71 -13.45
C3C HEM E . -19.29 17.97 -13.90
C4C HEM E . -20.21 18.75 -13.10
CMC HEM E . -18.46 15.53 -14.03
CAC HEM E . -18.47 18.49 -15.10
CBC HEM E . -19.10 18.76 -16.26
C1D HEM E . -21.49 20.84 -12.60
C2D HEM E . -21.76 22.24 -12.87
C3D HEM E . -22.94 22.60 -11.98
C4D HEM E . -23.26 21.40 -11.26
CMD HEM E . -21.04 23.19 -13.84
CAD HEM E . -23.63 23.99 -11.91
CBD HEM E . -24.63 23.96 -13.06
CGD HEM E . -25.46 25.22 -13.18
O1D HEM E . -26.08 25.42 -14.25
O2D HEM E . -25.52 26.02 -12.20
NA HEM E . -23.78 18.96 -9.58
NB HEM E . -22.21 16.54 -10.08
NC HEM E . -20.75 17.91 -12.16
ND HEM E . -22.40 20.38 -11.66
FE HEM E . -22.35 18.43 -10.89
C1 HCD F . -22.63 23.17 0.18
O1 HCD F . -24.73 25.14 2.65
C2 HCD F . -23.36 23.49 1.50
O2 HCD F . -21.54 20.24 -7.69
C3 HCD F . -24.11 24.82 1.40
C4 HCD F . -25.15 24.71 0.28
C5 HCD F . -24.45 24.31 -1.01
C6 HCD F . -24.61 25.10 -2.08
C7 HCD F . -24.04 24.81 -3.46
C8 HCD F . -23.52 23.37 -3.59
C9 HCD F . -22.73 22.97 -2.33
C10 HCD F . -23.57 23.06 -1.02
C11 HCD F . -22.02 21.62 -2.51
C12 HCD F . -21.18 21.54 -3.79
C13 HCD F . -22.01 21.86 -5.04
C14 HCD F . -22.64 23.23 -4.84
C15 HCD F . -23.24 23.60 -6.19
C16 HCD F . -22.23 23.03 -7.18
C17 HCD F . -21.23 22.22 -6.33
C18 HCD F . -23.08 20.76 -5.28
C19 HCD F . -24.47 21.81 -0.90
C20 HCD F . -20.54 21.11 -7.15
C21 HCD F . -19.57 20.26 -6.33
C22 HCD F . -19.80 21.67 -8.39
C23 HCD F . -18.69 22.69 -8.08
C24 HCD F . -18.15 23.33 -9.35
C25 HCD F . -17.16 24.45 -9.08
C26 HCD F . -16.64 25.02 -10.40
C27 HCD F . -15.98 24.01 -8.21
CHA HEM G . 28.32 -17.14 7.45
CHB HEM G . 23.65 -17.48 8.71
CHC HEM G . 23.45 -12.69 9.51
CHD HEM G . 27.90 -12.28 7.69
C1A HEM G . 27.08 -17.68 7.76
C2A HEM G . 26.72 -19.09 7.78
C3A HEM G . 25.42 -19.17 8.13
C4A HEM G . 24.93 -17.82 8.34
CMA HEM G . 24.59 -20.46 8.29
CAA HEM G . 27.66 -20.28 7.48
CBA HEM G . 28.11 -20.79 8.86
CGA HEM G . 29.04 -21.99 8.81
O1A HEM G . 29.60 -22.33 7.74
O2A HEM G . 29.23 -22.62 9.89
C1B HEM G . 23.19 -16.22 9.06
C2B HEM G . 21.88 -15.90 9.58
C3B HEM G . 21.83 -14.57 9.79
C4B HEM G . 23.12 -14.02 9.42
CMB HEM G . 20.75 -16.94 9.82
CAB HEM G . 20.68 -13.69 10.33
CBB HEM G . 19.61 -14.20 10.96
C1C HEM G . 24.66 -12.14 9.13
C2C HEM G . 25.06 -10.76 9.25
C3C HEM G . 26.29 -10.65 8.74
C4C HEM G . 26.71 -11.95 8.29
CMC HEM G . 24.22 -9.61 9.88
CAC HEM G . 27.11 -9.35 8.68
CBC HEM G . 28.21 -9.23 9.43
C1D HEM G . 28.43 -13.52 7.45
C2D HEM G . 29.76 -13.77 6.93
C3D HEM G . 29.88 -15.29 6.84
C4D HEM G . 28.63 -15.81 7.33
CMD HEM G . 30.81 -12.70 6.51
CAD HEM G . 31.12 -16.08 6.36
CBD HEM G . 32.06 -16.12 7.56
CGD HEM G . 33.37 -16.83 7.28
O1D HEM G . 34.35 -16.56 8.02
O2D HEM G . 33.46 -17.67 6.36
NA HEM G . 25.98 -16.94 8.12
NB HEM G . 23.92 -15.05 8.98
NC HEM G . 25.70 -12.85 8.55
ND HEM G . 27.81 -14.75 7.68
FE HEM G . 25.86 -14.90 8.40
C1 HCD H . 23.49 -22.62 -0.66
O1 HCD H . 24.29 -26.06 -2.09
C2 HCD H . 23.24 -24.01 -1.26
O2 HCD H . 25.23 -16.42 5.05
C3 HCD H . 24.55 -24.75 -1.57
C4 HCD H . 25.40 -24.86 -0.29
C5 HCD H . 25.58 -23.49 0.33
C6 HCD H . 26.83 -23.08 0.60
C7 HCD H . 27.17 -21.74 1.22
C8 HCD H . 25.97 -21.06 1.86
C9 HCD H . 24.76 -21.15 0.92
C10 HCD H . 24.35 -22.62 0.60
C11 HCD H . 23.59 -20.28 1.43
C12 HCD H . 23.99 -18.83 1.79
C13 HCD H . 25.15 -18.76 2.78
C14 HCD H . 26.28 -19.57 2.17
C15 HCD H . 27.52 -19.25 2.99
C16 HCD H . 27.31 -17.79 3.35
C17 HCD H . 25.89 -17.41 2.87
C18 HCD H . 24.75 -19.31 4.17
C19 HCD H . 23.59 -23.24 1.78
C20 HCD H . 25.29 -16.20 3.63
C21 HCD H . 23.87 -15.85 3.17
C22 HCD H . 26.16 -14.92 3.51
C23 HCD H . 26.53 -14.46 2.10
C24 HCD H . 27.47 -13.26 2.14
C25 HCD H . 27.88 -12.79 0.74
C26 HCD H . 29.01 -11.76 0.82
C27 HCD H . 26.70 -12.20 -0.01
FE1 FES I . -36.20 19.94 -21.71
FE2 FES I . -37.65 18.06 -23.64
S1 FES I . -36.58 17.78 -21.74
S2 FES I . -37.45 20.25 -23.48
FE1 FES J . 37.11 -18.98 21.34
FE2 FES J . 37.27 -19.45 24.34
S1 FES J . 35.62 -19.03 22.94
S2 FES J . 38.71 -18.78 22.83
#